data_3ZFV
#
_entry.id   3ZFV
#
_cell.length_a   71.650
_cell.length_b   127.460
_cell.length_c   83.620
_cell.angle_alpha   90.00
_cell.angle_beta   110.48
_cell.angle_gamma   90.00
#
_symmetry.space_group_name_H-M   'P 1 21 1'
#
loop_
_entity.id
_entity.type
_entity.pdbx_description
1 polymer 'CRISPR-ASSOCIATED ENDORIBONUCLEASE CAS6 1'
2 non-polymer GLYCEROL
3 water water
#
_entity_poly.entity_id   1
_entity_poly.type   'polypeptide(L)'
_entity_poly.pdbx_seq_one_letter_code
;GIDPFTVPLIFKIGYNVIPLQDVILPTPSSKVLKYLIQSGKLLPSLNNLITSRDKYKPIFISHLGLNQRRIFQTNGNLKT
ISRGSKLSSTIAFSTQVNVLPELDEGVFETIYGKFHITIESVEIVEVEKLKEEVEKH(MSE)NDNIRVRFISPTLLSSKV
LLPPSLSERYKRVNAGYSTLPSVGLIVAYAYNVYCNLIGKKEVEVRAFKFGVISNALSRIIGYDLHPVTIVIGEDSKGNL
RKARGV(MSE)GWIEFDIPDEKLKRRALRYLLASSYLGIGRSRGIGFGEIKLEFIKREENH
;
_entity_poly.pdbx_strand_id   A,B,C,D
#
loop_
_chem_comp.id
_chem_comp.type
_chem_comp.name
_chem_comp.formula
GOL non-polymer GLYCEROL 'C3 H8 O3'
#
# COMPACT_ATOMS: atom_id res chain seq x y z
N VAL A 7 15.82 -44.50 -6.19
CA VAL A 7 14.54 -43.74 -6.46
C VAL A 7 14.63 -42.32 -5.91
N PRO A 8 14.41 -41.31 -6.78
CA PRO A 8 14.59 -39.92 -6.35
C PRO A 8 13.39 -39.36 -5.60
N LEU A 9 13.66 -38.69 -4.47
CA LEU A 9 12.64 -38.20 -3.55
C LEU A 9 12.67 -36.69 -3.19
N ILE A 10 11.57 -36.18 -2.67
CA ILE A 10 11.56 -34.87 -2.02
C ILE A 10 11.29 -35.03 -0.53
N PHE A 11 12.16 -34.44 0.28
CA PHE A 11 11.93 -34.33 1.72
C PHE A 11 11.42 -32.95 2.10
N LYS A 12 10.41 -32.90 2.95
CA LYS A 12 9.90 -31.67 3.54
C LYS A 12 9.81 -31.89 5.04
N ILE A 13 10.72 -31.27 5.77
CA ILE A 13 10.74 -31.42 7.21
C ILE A 13 10.16 -30.15 7.85
N GLY A 14 9.23 -30.32 8.79
CA GLY A 14 8.71 -29.22 9.59
C GLY A 14 9.31 -29.22 10.98
N TYR A 15 10.00 -28.14 11.33
CA TYR A 15 10.64 -28.01 12.63
C TYR A 15 9.87 -27.07 13.56
N ASN A 16 9.89 -27.40 14.85
CA ASN A 16 9.54 -26.47 15.91
C ASN A 16 10.87 -25.94 16.43
N VAL A 17 10.95 -24.62 16.57
CA VAL A 17 12.18 -23.93 16.99
C VAL A 17 11.85 -23.02 18.16
N ILE A 18 12.28 -23.41 19.35
CA ILE A 18 11.96 -22.69 20.57
C ILE A 18 13.23 -22.09 21.16
N PRO A 19 13.35 -20.75 21.14
CA PRO A 19 14.47 -20.10 21.81
C PRO A 19 14.41 -20.25 23.34
N LEU A 20 15.52 -20.65 23.94
CA LEU A 20 15.60 -20.87 25.38
C LEU A 20 15.95 -19.59 26.14
N GLN A 21 16.28 -18.54 25.38
CA GLN A 21 16.48 -17.18 25.93
C GLN A 21 15.80 -16.17 24.98
N ASP A 22 15.55 -14.95 25.46
CA ASP A 22 15.02 -13.91 24.56
C ASP A 22 16.06 -13.73 23.45
N VAL A 23 15.61 -13.56 22.22
CA VAL A 23 16.53 -13.55 21.11
C VAL A 23 16.19 -12.47 20.06
N ILE A 24 17.19 -12.05 19.32
CA ILE A 24 17.00 -11.18 18.19
C ILE A 24 17.37 -12.01 16.98
N LEU A 25 16.40 -12.24 16.12
CA LEU A 25 16.61 -13.11 14.98
C LEU A 25 17.48 -12.40 13.98
N PRO A 26 18.31 -13.14 13.24
CA PRO A 26 19.07 -12.52 12.16
C PRO A 26 18.19 -12.18 10.96
N THR A 27 18.78 -11.54 9.97
CA THR A 27 18.11 -11.19 8.72
C THR A 27 18.85 -11.82 7.55
N PRO A 28 18.20 -12.71 6.80
CA PRO A 28 16.86 -13.27 7.01
C PRO A 28 16.88 -14.26 8.16
N SER A 29 15.73 -14.48 8.78
CA SER A 29 15.62 -15.36 9.94
C SER A 29 15.94 -16.83 9.63
N SER A 30 15.94 -17.20 8.35
CA SER A 30 16.40 -18.52 7.95
C SER A 30 17.89 -18.78 8.29
N LYS A 31 18.65 -17.73 8.59
CA LYS A 31 20.09 -17.90 8.91
C LYS A 31 20.34 -18.82 10.11
N VAL A 32 19.42 -18.83 11.07
CA VAL A 32 19.56 -19.69 12.25
C VAL A 32 19.74 -21.14 11.84
N LEU A 33 18.73 -21.69 11.16
CA LEU A 33 18.82 -23.09 10.70
C LEU A 33 19.89 -23.27 9.62
N LYS A 34 20.17 -22.24 8.83
CA LYS A 34 21.24 -22.35 7.84
C LYS A 34 22.59 -22.55 8.53
N TYR A 35 22.85 -21.78 9.59
CA TYR A 35 24.09 -21.93 10.35
C TYR A 35 24.26 -23.36 10.83
N LEU A 36 23.20 -23.91 11.43
CA LEU A 36 23.20 -25.28 11.91
C LEU A 36 23.55 -26.28 10.82
N ILE A 37 22.91 -26.15 9.67
CA ILE A 37 23.12 -27.09 8.57
C ILE A 37 24.52 -27.00 8.01
N GLN A 38 25.01 -25.78 7.83
CA GLN A 38 26.34 -25.53 7.29
C GLN A 38 27.41 -26.14 8.16
N SER A 39 27.33 -25.88 9.47
CA SER A 39 28.32 -26.40 10.43
C SER A 39 28.16 -27.92 10.64
N GLY A 40 27.21 -28.54 9.94
CA GLY A 40 27.01 -29.99 9.97
C GLY A 40 26.22 -30.46 11.18
N LYS A 41 25.77 -29.51 12.01
CA LYS A 41 25.09 -29.82 13.27
C LYS A 41 23.64 -30.28 13.12
N LEU A 42 22.94 -29.92 12.04
CA LEU A 42 21.54 -30.36 11.91
C LEU A 42 21.26 -31.39 10.82
N LEU A 43 21.88 -31.25 9.66
CA LEU A 43 21.76 -32.24 8.59
C LEU A 43 23.04 -32.28 7.74
N PRO A 44 23.64 -33.46 7.55
CA PRO A 44 24.94 -33.59 6.82
C PRO A 44 25.43 -32.52 5.74
N SER A 45 24.58 -32.07 4.83
CA SER A 45 25.02 -31.01 3.87
C SER A 45 25.62 -29.77 4.56
N PRO A 58 18.30 -27.19 -5.62
CA PRO A 58 17.10 -27.85 -5.11
C PRO A 58 17.04 -27.91 -3.58
N ILE A 59 17.36 -26.79 -2.91
CA ILE A 59 17.21 -26.68 -1.45
C ILE A 59 16.36 -25.45 -1.04
N PHE A 60 15.50 -25.62 -0.02
CA PHE A 60 14.65 -24.56 0.49
C PHE A 60 14.71 -24.50 2.02
N ILE A 61 15.11 -23.37 2.56
CA ILE A 61 15.14 -23.15 4.01
C ILE A 61 14.28 -21.94 4.32
N SER A 62 13.16 -22.19 5.01
CA SER A 62 12.18 -21.17 5.21
C SER A 62 12.67 -20.14 6.19
N HIS A 63 12.07 -18.97 6.15
CA HIS A 63 12.14 -18.05 7.28
CA HIS A 63 12.14 -18.03 7.26
C HIS A 63 11.44 -18.68 8.43
N LEU A 64 11.82 -18.27 9.64
CA LEU A 64 11.10 -18.66 10.84
C LEU A 64 9.73 -17.99 10.82
N GLY A 65 8.72 -18.73 11.26
CA GLY A 65 7.37 -18.23 11.33
C GLY A 65 6.80 -18.29 12.74
N LEU A 66 5.78 -17.44 12.96
CA LEU A 66 5.08 -17.22 14.22
C LEU A 66 3.67 -16.65 13.94
N ASN A 67 2.64 -17.20 14.60
CA ASN A 67 1.24 -16.83 14.34
C ASN A 67 0.93 -16.80 12.85
N GLN A 68 1.43 -17.82 12.15
CA GLN A 68 1.12 -18.06 10.74
C GLN A 68 1.60 -16.93 9.83
N ARG A 69 2.73 -16.33 10.20
CA ARG A 69 3.34 -15.30 9.40
C ARG A 69 4.86 -15.55 9.46
N ARG A 70 5.50 -15.46 8.31
CA ARG A 70 6.92 -15.52 8.25
C ARG A 70 7.54 -14.22 8.69
N ILE A 71 8.68 -14.33 9.36
CA ILE A 71 9.43 -13.17 9.80
C ILE A 71 10.47 -12.91 8.72
N PHE A 72 10.20 -11.93 7.86
CA PHE A 72 11.15 -11.46 6.84
C PHE A 72 11.28 -9.96 7.01
N GLN A 73 12.43 -9.41 6.64
CA GLN A 73 12.70 -7.99 6.84
C GLN A 73 12.33 -7.21 5.60
N THR A 74 11.45 -6.22 5.78
CA THR A 74 11.06 -5.32 4.69
C THR A 74 11.75 -3.98 4.92
N ASN A 75 11.65 -3.53 6.16
CA ASN A 75 12.71 -2.84 6.93
C ASN A 75 12.21 -1.82 7.94
N GLY A 76 12.04 -2.28 9.18
CA GLY A 76 11.97 -1.40 10.34
C GLY A 76 13.02 -1.93 11.29
N ASN A 77 12.76 -1.86 12.58
CA ASN A 77 13.65 -2.48 13.55
C ASN A 77 13.72 -4.02 13.43
N LEU A 78 14.65 -4.61 14.15
CA LEU A 78 14.83 -6.03 14.16
C LEU A 78 13.83 -6.60 15.14
N LYS A 79 13.44 -7.86 14.90
CA LYS A 79 12.39 -8.54 15.65
C LYS A 79 12.87 -9.27 16.93
N THR A 80 12.28 -8.91 18.07
CA THR A 80 12.55 -9.59 19.34
C THR A 80 11.63 -10.76 19.55
N ILE A 81 12.19 -11.93 19.84
CA ILE A 81 11.39 -13.07 20.20
C ILE A 81 11.70 -13.52 21.61
N SER A 82 10.66 -13.64 22.43
CA SER A 82 10.81 -13.99 23.84
C SER A 82 11.09 -15.49 24.04
N ARG A 83 11.85 -15.79 25.10
CA ARG A 83 12.03 -17.18 25.58
C ARG A 83 10.72 -17.92 25.47
N GLY A 84 10.77 -19.11 24.90
CA GLY A 84 9.62 -20.02 24.92
C GLY A 84 8.65 -19.93 23.76
N SER A 85 8.79 -18.93 22.91
CA SER A 85 7.89 -18.79 21.76
C SER A 85 8.09 -19.95 20.81
N LYS A 86 7.00 -20.42 20.22
CA LYS A 86 7.00 -21.54 19.28
C LYS A 86 7.17 -21.04 17.85
N LEU A 87 8.41 -20.98 17.38
CA LEU A 87 8.68 -20.60 16.02
C LEU A 87 8.63 -21.88 15.21
N SER A 88 8.28 -21.76 13.93
CA SER A 88 8.33 -22.93 13.07
C SER A 88 9.16 -22.65 11.86
N SER A 89 9.66 -23.73 11.26
CA SER A 89 10.47 -23.63 10.05
C SER A 89 10.21 -24.85 9.17
N THR A 90 10.52 -24.71 7.89
CA THR A 90 10.45 -25.82 6.96
C THR A 90 11.72 -25.85 6.17
N ILE A 91 12.25 -27.04 5.99
CA ILE A 91 13.35 -27.25 5.08
C ILE A 91 12.91 -28.27 4.06
N ALA A 92 13.26 -28.06 2.81
CA ALA A 92 12.88 -28.96 1.74
C ALA A 92 14.03 -29.14 0.76
N PHE A 93 14.17 -30.33 0.20
CA PHE A 93 15.27 -30.65 -0.73
C PHE A 93 14.99 -31.95 -1.48
N SER A 94 15.73 -32.16 -2.57
CA SER A 94 15.56 -33.36 -3.40
C SER A 94 16.65 -34.43 -3.22
N THR A 95 16.23 -35.70 -3.41
CA THR A 95 17.02 -36.93 -3.50
C THR A 95 17.52 -37.38 -2.13
N PRO A 101 19.52 -39.81 4.95
CA PRO A 101 19.90 -38.45 5.31
C PRO A 101 19.45 -38.20 6.77
N GLU A 102 19.76 -39.12 7.68
CA GLU A 102 18.94 -39.17 8.91
C GLU A 102 19.09 -37.88 9.76
N LEU A 103 18.02 -37.59 10.50
CA LEU A 103 17.73 -36.27 11.01
C LEU A 103 17.45 -36.27 12.49
N ASP A 104 18.22 -35.49 13.26
CA ASP A 104 18.01 -35.40 14.71
C ASP A 104 17.53 -34.02 15.17
N GLU A 105 17.26 -33.92 16.48
CA GLU A 105 16.61 -32.78 17.12
C GLU A 105 17.38 -32.53 18.44
N GLY A 106 16.82 -31.72 19.35
CA GLY A 106 17.40 -31.47 20.67
C GLY A 106 17.72 -30.01 20.88
N VAL A 107 18.56 -29.72 21.86
CA VAL A 107 18.99 -28.35 22.14
C VAL A 107 20.25 -28.05 21.33
N PHE A 108 20.24 -26.92 20.61
CA PHE A 108 21.38 -26.52 19.79
C PHE A 108 21.89 -25.16 20.21
N GLU A 109 23.22 -25.00 20.22
CA GLU A 109 23.85 -23.72 20.48
C GLU A 109 24.15 -22.98 19.16
N THR A 110 23.92 -21.69 19.16
CA THR A 110 24.11 -20.89 17.95
C THR A 110 24.63 -19.55 18.28
N ILE A 111 25.21 -18.88 17.29
CA ILE A 111 25.67 -17.51 17.48
C ILE A 111 24.50 -16.57 17.84
N TYR A 112 23.29 -16.95 17.41
CA TYR A 112 22.06 -16.18 17.72
C TYR A 112 21.43 -16.61 19.05
N GLY A 113 21.97 -17.66 19.67
CA GLY A 113 21.49 -18.10 20.99
C GLY A 113 21.23 -19.60 21.02
N LYS A 114 20.66 -20.09 22.12
CA LYS A 114 20.33 -21.51 22.24
C LYS A 114 18.86 -21.76 21.88
N PHE A 115 18.64 -22.84 21.14
CA PHE A 115 17.33 -23.18 20.60
C PHE A 115 17.00 -24.67 20.77
N HIS A 116 15.76 -24.94 21.13
CA HIS A 116 15.25 -26.31 21.19
C HIS A 116 14.56 -26.59 19.87
N ILE A 117 15.11 -27.53 19.10
CA ILE A 117 14.58 -27.85 17.79
C ILE A 117 14.02 -29.28 17.78
N THR A 118 12.71 -29.42 17.59
CA THR A 118 12.04 -30.71 17.47
C THR A 118 11.35 -30.80 16.11
N ILE A 119 10.97 -32.00 15.71
CA ILE A 119 10.37 -32.23 14.41
C ILE A 119 8.86 -32.29 14.51
N GLU A 120 8.20 -31.41 13.77
CA GLU A 120 6.74 -31.35 13.68
C GLU A 120 6.20 -32.33 12.63
N SER A 121 6.91 -32.46 11.51
CA SER A 121 6.46 -33.31 10.42
C SER A 121 7.56 -33.72 9.47
N VAL A 122 7.37 -34.87 8.84
CA VAL A 122 8.29 -35.36 7.84
C VAL A 122 7.47 -35.93 6.70
N GLU A 123 7.60 -35.31 5.54
CA GLU A 123 6.93 -35.74 4.33
C GLU A 123 8.00 -36.22 3.36
N ILE A 124 7.90 -37.47 2.92
CA ILE A 124 8.75 -37.96 1.86
C ILE A 124 7.88 -38.32 0.68
N VAL A 125 8.05 -37.60 -0.41
CA VAL A 125 7.26 -37.87 -1.61
C VAL A 125 8.16 -38.32 -2.76
N GLU A 126 7.79 -39.47 -3.32
CA GLU A 126 8.38 -39.97 -4.55
C GLU A 126 7.90 -39.10 -5.69
N VAL A 127 8.80 -38.65 -6.54
CA VAL A 127 8.45 -37.87 -7.73
C VAL A 127 7.31 -38.48 -8.57
N GLU A 128 7.22 -39.80 -8.64
CA GLU A 128 6.12 -40.48 -9.35
C GLU A 128 4.77 -40.37 -8.63
N LYS A 129 4.77 -40.39 -7.30
CA LYS A 129 3.52 -40.22 -6.52
C LYS A 129 2.88 -38.83 -6.74
N LEU A 130 3.68 -37.85 -7.17
CA LEU A 130 3.15 -36.54 -7.52
C LEU A 130 2.17 -36.64 -8.67
N LYS A 131 2.55 -37.37 -9.72
CA LYS A 131 1.67 -37.55 -10.87
C LYS A 131 0.33 -38.14 -10.45
N GLU A 132 0.32 -38.96 -9.42
CA GLU A 132 -0.90 -39.64 -9.00
C GLU A 132 -1.86 -38.72 -8.26
N GLU A 133 -1.31 -37.81 -7.47
CA GLU A 133 -2.14 -36.82 -6.74
C GLU A 133 -2.75 -35.77 -7.68
N VAL A 134 -2.09 -35.50 -8.79
CA VAL A 134 -2.65 -34.63 -9.81
C VAL A 134 -4.03 -35.08 -10.20
N GLU A 135 -4.23 -36.38 -10.35
CA GLU A 135 -5.50 -36.88 -10.86
C GLU A 135 -6.68 -36.59 -9.93
N LYS A 136 -6.44 -36.61 -8.62
CA LYS A 136 -7.47 -36.24 -7.67
C LYS A 136 -8.03 -34.83 -7.94
N HIS A 137 -7.23 -33.95 -8.54
CA HIS A 137 -7.60 -32.54 -8.62
C HIS A 137 -7.90 -32.02 -10.01
N MSE A 138 -8.08 -32.91 -10.97
CA MSE A 138 -8.31 -32.48 -12.36
C MSE A 138 -9.52 -31.58 -12.48
O MSE A 138 -9.52 -30.68 -13.30
CB MSE A 138 -8.41 -33.68 -13.29
CG MSE A 138 -7.02 -34.29 -13.53
SE MSE A 138 -5.79 -33.01 -14.41
CE MSE A 138 -6.55 -33.00 -16.24
N ASN A 139 -10.55 -31.79 -11.64
CA ASN A 139 -11.74 -30.93 -11.65
C ASN A 139 -11.76 -29.86 -10.56
N ASP A 140 -10.63 -29.55 -9.97
CA ASP A 140 -10.59 -28.60 -8.90
C ASP A 140 -9.94 -27.31 -9.37
N ASN A 141 -10.35 -26.21 -8.77
CA ASN A 141 -9.68 -24.95 -9.02
C ASN A 141 -8.35 -24.96 -8.26
N ILE A 142 -7.45 -24.06 -8.66
CA ILE A 142 -6.12 -24.03 -8.11
C ILE A 142 -5.92 -22.73 -7.38
N ARG A 143 -5.55 -22.79 -6.12
CA ARG A 143 -5.16 -21.60 -5.42
C ARG A 143 -3.66 -21.67 -5.12
N VAL A 144 -2.90 -20.71 -5.64
CA VAL A 144 -1.50 -20.57 -5.26
C VAL A 144 -1.38 -19.41 -4.27
N ARG A 145 -0.76 -19.66 -3.13
CA ARG A 145 -0.54 -18.63 -2.13
C ARG A 145 0.93 -18.37 -1.99
N PHE A 146 1.33 -17.11 -2.06
CA PHE A 146 2.69 -16.75 -1.82
C PHE A 146 2.83 -16.39 -0.35
N ILE A 147 3.40 -17.34 0.41
CA ILE A 147 3.44 -17.26 1.85
C ILE A 147 4.62 -16.41 2.25
N SER A 148 5.65 -16.42 1.42
CA SER A 148 6.76 -15.48 1.61
C SER A 148 6.94 -14.69 0.33
N PRO A 149 7.49 -13.49 0.44
CA PRO A 149 7.69 -12.69 -0.76
C PRO A 149 8.38 -13.51 -1.85
N THR A 150 7.83 -13.47 -3.04
CA THR A 150 8.27 -14.30 -4.13
C THR A 150 8.84 -13.45 -5.28
N LEU A 151 9.99 -13.86 -5.80
CA LEU A 151 10.73 -13.06 -6.78
C LEU A 151 10.85 -13.78 -8.13
N LEU A 152 9.89 -13.56 -9.01
CA LEU A 152 9.85 -14.19 -10.35
C LEU A 152 10.26 -13.21 -11.42
N SER A 153 11.21 -13.60 -12.26
CA SER A 153 11.68 -12.73 -13.32
C SER A 153 10.81 -12.83 -14.57
N SER A 154 10.30 -11.70 -15.02
CA SER A 154 9.37 -11.64 -16.12
C SER A 154 9.99 -12.17 -17.40
N LYS A 155 11.30 -11.97 -17.55
CA LYS A 155 11.98 -12.41 -18.75
C LYS A 155 11.88 -13.92 -19.00
N VAL A 156 11.43 -14.70 -18.03
CA VAL A 156 11.23 -16.14 -18.29
C VAL A 156 10.20 -16.33 -19.42
N LEU A 157 9.29 -15.37 -19.57
CA LEU A 157 8.33 -15.40 -20.69
C LEU A 157 8.76 -14.57 -21.88
N LEU A 158 10.04 -14.22 -21.98
CA LEU A 158 10.55 -13.59 -23.21
C LEU A 158 10.91 -14.71 -24.17
N PRO A 159 10.54 -14.57 -25.44
CA PRO A 159 10.99 -15.56 -26.40
C PRO A 159 12.51 -15.60 -26.38
N PRO A 160 13.09 -16.76 -26.06
CA PRO A 160 14.56 -16.92 -26.02
C PRO A 160 15.33 -16.32 -27.20
N SER A 161 14.78 -16.39 -28.41
CA SER A 161 15.45 -15.79 -29.57
C SER A 161 15.64 -14.27 -29.48
N LEU A 162 14.91 -13.63 -28.57
CA LEU A 162 15.02 -12.18 -28.36
C LEU A 162 15.88 -11.78 -27.15
N SER A 163 16.46 -12.76 -26.46
CA SER A 163 17.35 -12.50 -25.32
C SER A 163 18.45 -11.49 -25.59
N GLU A 164 19.10 -11.61 -26.73
CA GLU A 164 20.14 -10.68 -27.07
C GLU A 164 19.55 -9.29 -27.26
N ARG A 165 18.57 -9.18 -28.15
CA ARG A 165 17.90 -7.90 -28.43
C ARG A 165 17.54 -7.12 -27.17
N TYR A 166 17.03 -7.81 -26.14
CA TYR A 166 16.60 -7.14 -24.92
C TYR A 166 17.55 -7.38 -23.74
N LYS A 167 18.79 -7.66 -24.06
CA LYS A 167 19.75 -7.90 -23.01
C LYS A 167 19.93 -6.72 -22.06
N ARG A 168 19.82 -5.48 -22.54
CA ARG A 168 20.03 -4.29 -21.69
C ARG A 168 18.79 -3.94 -20.86
N VAL A 169 17.66 -4.56 -21.13
CA VAL A 169 16.43 -4.22 -20.46
C VAL A 169 16.34 -4.88 -19.10
N ASN A 170 16.24 -4.07 -18.05
CA ASN A 170 16.10 -4.62 -16.71
C ASN A 170 14.62 -4.61 -16.30
N ALA A 171 13.94 -5.74 -16.50
CA ALA A 171 12.52 -5.86 -16.19
C ALA A 171 12.30 -6.03 -14.70
N GLY A 172 13.33 -6.48 -13.97
CA GLY A 172 13.20 -6.72 -12.54
C GLY A 172 12.34 -7.94 -12.25
N TYR A 173 11.90 -8.08 -11.00
CA TYR A 173 10.95 -9.12 -10.64
C TYR A 173 9.51 -8.65 -10.73
N SER A 174 8.65 -9.55 -11.16
CA SER A 174 7.25 -9.24 -11.30
C SER A 174 6.58 -8.96 -9.97
N THR A 175 5.86 -7.85 -9.89
CA THR A 175 5.08 -7.51 -8.71
C THR A 175 3.65 -7.91 -8.90
N LEU A 176 3.33 -8.44 -10.08
CA LEU A 176 1.99 -8.96 -10.38
C LEU A 176 2.14 -10.08 -11.39
N PRO A 177 2.55 -11.25 -10.93
CA PRO A 177 2.89 -12.30 -11.88
C PRO A 177 1.65 -12.93 -12.46
N SER A 178 1.67 -13.18 -13.75
CA SER A 178 0.56 -13.83 -14.43
C SER A 178 0.65 -15.32 -14.20
N VAL A 179 -0.48 -16.01 -14.35
CA VAL A 179 -0.52 -17.45 -14.22
C VAL A 179 0.59 -18.09 -15.05
N GLY A 180 0.80 -17.56 -16.25
CA GLY A 180 1.81 -18.10 -17.14
C GLY A 180 3.20 -18.09 -16.53
N LEU A 181 3.56 -16.94 -15.94
CA LEU A 181 4.86 -16.78 -15.30
C LEU A 181 5.03 -17.76 -14.12
N ILE A 182 3.97 -17.93 -13.34
CA ILE A 182 4.01 -18.80 -12.17
C ILE A 182 4.33 -20.21 -12.63
N VAL A 183 3.46 -20.75 -13.49
CA VAL A 183 3.63 -22.14 -13.95
C VAL A 183 4.89 -22.36 -14.77
N ALA A 184 5.36 -21.33 -15.47
CA ALA A 184 6.61 -21.45 -16.21
C ALA A 184 7.74 -21.70 -15.18
N TYR A 185 7.74 -20.91 -14.10
CA TYR A 185 8.70 -21.10 -13.03
C TYR A 185 8.59 -22.50 -12.40
N ALA A 186 7.36 -22.98 -12.23
CA ALA A 186 7.10 -24.29 -11.70
C ALA A 186 7.66 -25.38 -12.61
N TYR A 187 7.44 -25.24 -13.92
CA TYR A 187 7.98 -26.20 -14.89
C TYR A 187 9.52 -26.30 -14.78
N ASN A 188 10.20 -25.16 -14.66
CA ASN A 188 11.62 -25.16 -14.49
C ASN A 188 12.09 -25.89 -13.26
N VAL A 189 11.37 -25.70 -12.17
CA VAL A 189 11.73 -26.34 -10.89
C VAL A 189 11.52 -27.83 -11.02
N TYR A 190 10.38 -28.20 -11.58
CA TYR A 190 10.12 -29.60 -11.88
C TYR A 190 11.24 -30.26 -12.71
N CYS A 191 11.72 -29.60 -13.76
CA CYS A 191 12.75 -30.21 -14.58
C CYS A 191 13.99 -30.48 -13.77
N ASN A 192 14.43 -29.49 -13.02
CA ASN A 192 15.60 -29.68 -12.14
C ASN A 192 15.38 -30.78 -11.12
N LEU A 193 14.16 -30.87 -10.62
CA LEU A 193 13.81 -31.90 -9.64
C LEU A 193 13.98 -33.28 -10.23
N ILE A 194 13.39 -33.53 -11.40
CA ILE A 194 13.53 -34.82 -12.06
C ILE A 194 14.87 -34.95 -12.80
N GLY A 195 15.76 -33.98 -12.58
CA GLY A 195 17.15 -34.09 -13.03
C GLY A 195 17.36 -33.78 -14.49
N LYS A 196 16.29 -33.38 -15.19
CA LYS A 196 16.40 -33.02 -16.58
C LYS A 196 16.76 -31.53 -16.67
N LYS A 197 17.58 -31.19 -17.67
CA LYS A 197 17.91 -29.80 -17.96
C LYS A 197 16.64 -29.04 -18.29
N GLU A 198 16.43 -27.87 -17.67
CA GLU A 198 15.33 -27.01 -18.10
C GLU A 198 15.60 -26.46 -19.51
N VAL A 199 14.53 -26.33 -20.29
CA VAL A 199 14.62 -25.77 -21.63
C VAL A 199 13.85 -24.46 -21.61
N GLU A 200 14.56 -23.37 -21.89
CA GLU A 200 13.96 -22.06 -21.85
C GLU A 200 12.74 -21.97 -22.77
N VAL A 201 12.82 -22.63 -23.91
CA VAL A 201 11.80 -22.55 -24.95
C VAL A 201 10.51 -23.27 -24.51
N ARG A 202 10.64 -24.41 -23.86
CA ARG A 202 9.48 -25.10 -23.35
C ARG A 202 8.80 -24.30 -22.24
N ALA A 203 9.61 -23.71 -21.37
CA ALA A 203 9.11 -22.85 -20.33
C ALA A 203 8.31 -21.68 -20.92
N PHE A 204 8.94 -20.99 -21.85
CA PHE A 204 8.33 -19.86 -22.51
C PHE A 204 6.99 -20.27 -23.13
N LYS A 205 7.01 -21.31 -23.97
CA LYS A 205 5.80 -21.77 -24.65
C LYS A 205 4.72 -22.16 -23.66
N PHE A 206 5.11 -22.87 -22.62
CA PHE A 206 4.15 -23.28 -21.61
C PHE A 206 3.47 -22.08 -20.92
N GLY A 207 4.23 -21.02 -20.67
CA GLY A 207 3.70 -19.87 -19.96
C GLY A 207 2.82 -19.05 -20.86
N VAL A 208 3.25 -18.89 -22.11
CA VAL A 208 2.47 -18.14 -23.06
C VAL A 208 1.10 -18.76 -23.27
N ILE A 209 1.09 -20.05 -23.46
CA ILE A 209 -0.15 -20.74 -23.71
C ILE A 209 -1.03 -20.68 -22.47
N SER A 210 -0.42 -20.76 -21.29
CA SER A 210 -1.18 -20.72 -20.03
C SER A 210 -1.80 -19.34 -19.77
N ASN A 211 -1.08 -18.27 -20.10
CA ASN A 211 -1.67 -16.94 -20.02
C ASN A 211 -2.86 -16.80 -20.98
N ALA A 212 -2.83 -17.47 -22.11
CA ALA A 212 -3.86 -17.32 -23.11
C ALA A 212 -5.13 -18.04 -22.66
N LEU A 213 -4.97 -19.15 -21.96
CA LEU A 213 -6.10 -20.07 -21.72
C LEU A 213 -6.63 -20.10 -20.30
N SER A 214 -5.87 -19.58 -19.35
CA SER A 214 -6.32 -19.62 -17.95
C SER A 214 -7.48 -18.70 -17.66
N ARG A 215 -8.21 -19.11 -16.64
CA ARG A 215 -9.33 -18.42 -16.14
C ARG A 215 -8.94 -18.04 -14.70
N ILE A 216 -8.99 -16.77 -14.39
CA ILE A 216 -8.68 -16.33 -13.06
C ILE A 216 -9.98 -16.15 -12.30
N ILE A 217 -10.08 -16.82 -11.18
CA ILE A 217 -11.28 -16.81 -10.40
C ILE A 217 -11.28 -15.70 -9.35
N GLY A 218 -10.14 -15.43 -8.75
CA GLY A 218 -10.05 -14.43 -7.72
C GLY A 218 -8.62 -14.25 -7.31
N TYR A 219 -8.35 -13.18 -6.53
CA TYR A 219 -6.97 -12.90 -6.10
C TYR A 219 -6.90 -11.80 -5.09
N ASP A 220 -5.81 -11.82 -4.35
CA ASP A 220 -5.46 -10.76 -3.46
C ASP A 220 -3.96 -10.69 -3.49
N LEU A 221 -3.43 -9.91 -4.42
CA LEU A 221 -1.99 -9.80 -4.61
C LEU A 221 -1.55 -8.40 -4.25
N HIS A 222 -0.31 -8.26 -3.80
CA HIS A 222 0.28 -6.94 -3.61
C HIS A 222 1.78 -7.02 -3.70
N PRO A 223 2.42 -5.92 -4.10
CA PRO A 223 3.87 -5.84 -4.05
C PRO A 223 4.44 -5.90 -2.64
N VAL A 224 5.67 -6.40 -2.53
CA VAL A 224 6.42 -6.31 -1.28
CA VAL A 224 6.43 -6.30 -1.27
C VAL A 224 7.87 -6.04 -1.63
N THR A 225 8.51 -5.21 -0.82
CA THR A 225 9.88 -4.88 -0.99
C THR A 225 10.57 -5.49 0.19
N ILE A 226 11.63 -6.25 -0.05
CA ILE A 226 12.28 -7.02 0.99
C ILE A 226 13.79 -6.84 0.90
N VAL A 227 14.47 -7.16 1.99
CA VAL A 227 15.93 -7.18 2.01
C VAL A 227 16.39 -8.60 1.65
N ILE A 228 17.16 -8.71 0.57
CA ILE A 228 17.85 -9.97 0.25
C ILE A 228 18.86 -10.37 1.35
N ASN A 235 25.70 -1.00 2.24
CA ASN A 235 24.94 -1.93 3.09
C ASN A 235 23.70 -2.67 2.45
N LEU A 236 22.45 -2.25 2.70
CA LEU A 236 21.28 -3.13 2.41
C LEU A 236 20.98 -3.30 0.94
N ARG A 237 20.68 -4.53 0.53
CA ARG A 237 20.27 -4.80 -0.83
C ARG A 237 18.80 -5.26 -0.86
N LYS A 238 18.01 -4.54 -1.65
CA LYS A 238 16.57 -4.66 -1.62
C LYS A 238 16.03 -5.15 -2.96
N ALA A 239 14.90 -5.81 -2.92
CA ALA A 239 14.29 -6.40 -4.07
C ALA A 239 12.80 -6.23 -3.88
N ARG A 240 12.06 -6.27 -4.98
CA ARG A 240 10.64 -6.05 -4.95
C ARG A 240 9.94 -7.21 -5.63
N GLY A 241 9.07 -7.90 -4.91
CA GLY A 241 8.34 -9.05 -5.46
C GLY A 241 6.86 -9.01 -5.14
N VAL A 242 6.26 -10.18 -4.96
CA VAL A 242 4.82 -10.29 -4.74
C VAL A 242 4.51 -11.20 -3.55
N MSE A 243 3.36 -10.93 -2.89
CA MSE A 243 2.79 -11.81 -1.86
C MSE A 243 1.32 -11.78 -2.06
O MSE A 243 0.83 -10.87 -2.73
CB MSE A 243 3.03 -11.31 -0.46
CG MSE A 243 4.27 -11.93 0.11
SE MSE A 243 4.38 -11.44 2.04
CE MSE A 243 3.06 -12.60 2.91
N GLY A 244 0.60 -12.73 -1.48
CA GLY A 244 -0.84 -12.80 -1.60
C GLY A 244 -1.23 -14.15 -2.17
N TRP A 245 -2.41 -14.22 -2.78
CA TRP A 245 -2.81 -15.44 -3.43
C TRP A 245 -3.59 -15.19 -4.68
N ILE A 246 -3.63 -16.21 -5.50
CA ILE A 246 -4.33 -16.14 -6.78
C ILE A 246 -5.00 -17.48 -6.96
N GLU A 247 -6.25 -17.45 -7.42
CA GLU A 247 -7.01 -18.65 -7.65
C GLU A 247 -7.42 -18.71 -9.12
N PHE A 248 -7.21 -19.86 -9.75
CA PHE A 248 -7.45 -19.98 -11.18
C PHE A 248 -7.70 -21.40 -11.64
N ASP A 249 -8.04 -21.52 -12.91
CA ASP A 249 -8.21 -22.82 -13.53
C ASP A 249 -7.67 -22.78 -14.94
N ILE A 250 -7.29 -23.95 -15.45
CA ILE A 250 -6.82 -24.08 -16.82
C ILE A 250 -7.78 -25.05 -17.50
N PRO A 251 -8.66 -24.55 -18.37
CA PRO A 251 -9.71 -25.39 -18.96
C PRO A 251 -9.21 -26.11 -20.23
N ASP A 252 -7.99 -26.66 -20.19
CA ASP A 252 -7.55 -27.68 -21.14
C ASP A 252 -6.97 -28.83 -20.35
N GLU A 253 -7.60 -29.98 -20.42
CA GLU A 253 -7.19 -31.16 -19.67
C GLU A 253 -5.68 -31.36 -19.68
N LYS A 254 -5.07 -31.47 -20.86
CA LYS A 254 -3.63 -31.81 -20.95
C LYS A 254 -2.75 -30.75 -20.32
N LEU A 255 -3.12 -29.49 -20.51
CA LEU A 255 -2.34 -28.41 -19.97
C LEU A 255 -2.50 -28.30 -18.44
N LYS A 256 -3.69 -28.63 -17.94
CA LYS A 256 -3.94 -28.61 -16.52
C LYS A 256 -3.15 -29.71 -15.83
N ARG A 257 -3.11 -30.86 -16.46
CA ARG A 257 -2.41 -32.00 -15.89
C ARG A 257 -0.93 -31.68 -15.77
N ARG A 258 -0.37 -31.00 -16.75
CA ARG A 258 1.02 -30.61 -16.64
C ARG A 258 1.20 -29.60 -15.52
N ALA A 259 0.38 -28.57 -15.51
CA ALA A 259 0.51 -27.49 -14.52
C ALA A 259 0.42 -28.01 -13.11
N LEU A 260 -0.53 -28.89 -12.85
CA LEU A 260 -0.68 -29.42 -11.48
C LEU A 260 0.59 -30.12 -11.02
N ARG A 261 1.14 -30.96 -11.90
CA ARG A 261 2.37 -31.68 -11.61
C ARG A 261 3.51 -30.74 -11.25
N TYR A 262 3.70 -29.69 -12.06
CA TYR A 262 4.78 -28.77 -11.84
C TYR A 262 4.55 -27.96 -10.57
N LEU A 263 3.33 -27.48 -10.39
CA LEU A 263 3.02 -26.72 -9.18
C LEU A 263 3.22 -27.57 -7.94
N LEU A 264 2.75 -28.80 -7.98
CA LEU A 264 2.93 -29.70 -6.85
C LEU A 264 4.43 -29.79 -6.43
N ALA A 265 5.32 -29.89 -7.39
CA ALA A 265 6.75 -29.92 -7.09
C ALA A 265 7.22 -28.60 -6.47
N SER A 266 6.83 -27.48 -7.05
CA SER A 266 7.17 -26.17 -6.46
C SER A 266 6.66 -26.00 -5.04
N SER A 267 5.56 -26.66 -4.71
CA SER A 267 4.99 -26.54 -3.39
C SER A 267 5.92 -27.13 -2.33
N TYR A 268 6.94 -27.87 -2.75
CA TYR A 268 7.96 -28.40 -1.84
C TYR A 268 9.21 -27.55 -1.85
N LEU A 269 9.61 -27.07 -3.03
CA LEU A 269 10.93 -26.48 -3.17
C LEU A 269 10.89 -24.99 -3.26
N GLY A 270 9.68 -24.43 -3.28
CA GLY A 270 9.51 -23.02 -3.45
C GLY A 270 9.78 -22.63 -4.88
N ILE A 271 9.66 -21.34 -5.15
CA ILE A 271 9.66 -20.82 -6.50
C ILE A 271 10.42 -19.51 -6.58
N GLY A 272 11.07 -19.30 -7.70
CA GLY A 272 11.69 -18.01 -7.96
C GLY A 272 13.03 -17.90 -7.31
N ARG A 273 13.58 -16.70 -7.27
CA ARG A 273 14.91 -16.49 -6.71
C ARG A 273 14.97 -16.51 -5.16
N SER A 274 16.10 -16.97 -4.65
CA SER A 274 16.47 -16.94 -3.24
C SER A 274 15.64 -17.87 -2.36
N ARG A 275 15.30 -19.04 -2.91
CA ARG A 275 14.53 -20.04 -2.19
C ARG A 275 15.34 -20.60 -1.05
N GLY A 276 16.64 -20.76 -1.26
CA GLY A 276 17.51 -21.29 -0.23
C GLY A 276 17.60 -20.39 0.99
N ILE A 277 17.09 -19.18 0.87
CA ILE A 277 17.07 -18.22 1.97
C ILE A 277 15.62 -17.96 2.42
N GLY A 278 14.67 -18.65 1.80
CA GLY A 278 13.29 -18.66 2.28
C GLY A 278 12.27 -17.87 1.48
N PHE A 279 12.70 -17.28 0.37
CA PHE A 279 11.78 -16.53 -0.48
C PHE A 279 11.13 -17.48 -1.45
N GLY A 280 9.94 -17.13 -1.90
CA GLY A 280 9.29 -17.92 -2.90
C GLY A 280 8.60 -19.12 -2.32
N GLU A 281 8.19 -19.00 -1.07
CA GLU A 281 7.49 -20.05 -0.43
C GLU A 281 6.07 -20.03 -0.92
N ILE A 282 5.59 -21.15 -1.45
CA ILE A 282 4.20 -21.22 -1.88
C ILE A 282 3.45 -22.35 -1.19
N LYS A 283 2.16 -22.15 -1.00
CA LYS A 283 1.26 -23.15 -0.51
C LYS A 283 0.19 -23.32 -1.60
N LEU A 284 -0.12 -24.56 -1.93
CA LEU A 284 -0.96 -24.90 -3.04
C LEU A 284 -2.26 -25.50 -2.47
N GLU A 285 -3.41 -24.97 -2.86
CA GLU A 285 -4.71 -25.46 -2.36
C GLU A 285 -5.65 -25.71 -3.52
N PHE A 286 -6.45 -26.77 -3.42
CA PHE A 286 -7.35 -27.14 -4.49
C PHE A 286 -8.76 -26.92 -4.03
N ILE A 287 -9.52 -26.13 -4.76
CA ILE A 287 -10.88 -25.77 -4.34
C ILE A 287 -11.86 -26.62 -5.10
N LYS A 288 -12.70 -27.33 -4.36
CA LYS A 288 -13.74 -28.22 -4.96
C LYS A 288 -14.91 -27.39 -5.48
N PRO B 8 -7.50 11.09 -40.97
CA PRO B 8 -8.53 10.89 -39.94
C PRO B 8 -8.30 11.65 -38.61
N LEU B 9 -9.39 12.20 -38.05
CA LEU B 9 -9.38 12.87 -36.72
C LEU B 9 -10.09 12.02 -35.67
N ILE B 10 -9.82 12.31 -34.39
CA ILE B 10 -10.66 11.77 -33.32
C ILE B 10 -11.41 12.89 -32.64
N PHE B 11 -12.71 12.71 -32.52
CA PHE B 11 -13.56 13.60 -31.71
C PHE B 11 -13.87 12.96 -30.36
N LYS B 12 -13.76 13.74 -29.29
CA LYS B 12 -14.14 13.33 -27.93
C LYS B 12 -15.01 14.44 -27.37
N ILE B 13 -16.32 14.19 -27.35
CA ILE B 13 -17.27 15.18 -26.87
C ILE B 13 -17.73 14.80 -25.47
N GLY B 14 -17.72 15.78 -24.58
CA GLY B 14 -18.28 15.63 -23.23
C GLY B 14 -19.65 16.27 -23.14
N TYR B 15 -20.66 15.47 -22.80
CA TYR B 15 -22.03 15.96 -22.69
C TYR B 15 -22.44 16.11 -21.25
N ASN B 16 -23.25 17.13 -20.99
CA ASN B 16 -24.04 17.20 -19.78
C ASN B 16 -25.45 16.69 -20.14
N VAL B 17 -25.98 15.78 -19.33
CA VAL B 17 -27.24 15.08 -19.63
C VAL B 17 -28.14 15.17 -18.41
N ILE B 18 -29.16 16.00 -18.51
CA ILE B 18 -30.02 16.31 -17.38
C ILE B 18 -31.44 15.81 -17.68
N PRO B 19 -31.90 14.79 -16.92
CA PRO B 19 -33.27 14.33 -17.10
C PRO B 19 -34.25 15.38 -16.58
N LEU B 20 -35.26 15.67 -17.40
CA LEU B 20 -36.23 16.69 -17.06
C LEU B 20 -37.33 16.12 -16.18
N GLN B 21 -37.35 14.80 -16.02
CA GLN B 21 -38.28 14.09 -15.14
C GLN B 21 -37.51 13.02 -14.39
N ASP B 22 -38.05 12.47 -13.31
CA ASP B 22 -37.45 11.30 -12.69
C ASP B 22 -37.39 10.17 -13.73
N VAL B 23 -36.29 9.43 -13.78
CA VAL B 23 -36.06 8.48 -14.85
C VAL B 23 -35.48 7.14 -14.33
N ILE B 24 -35.76 6.05 -15.04
CA ILE B 24 -35.22 4.74 -14.68
C ILE B 24 -34.28 4.34 -15.81
N LEU B 25 -32.96 4.36 -15.56
CA LEU B 25 -32.00 4.23 -16.65
C LEU B 25 -31.96 2.83 -17.16
N PRO B 26 -31.77 2.66 -18.46
CA PRO B 26 -31.66 1.32 -18.99
C PRO B 26 -30.33 0.68 -18.57
N THR B 27 -30.17 -0.61 -18.87
CA THR B 27 -28.93 -1.31 -18.66
C THR B 27 -28.40 -1.84 -19.98
N PRO B 28 -27.19 -1.43 -20.38
CA PRO B 28 -26.35 -0.40 -19.78
C PRO B 28 -26.92 0.98 -20.02
N SER B 29 -26.58 1.94 -19.16
CA SER B 29 -27.09 3.30 -19.23
C SER B 29 -26.66 4.06 -20.50
N SER B 30 -25.66 3.56 -21.20
CA SER B 30 -25.30 4.10 -22.50
C SER B 30 -26.42 3.95 -23.58
N LYS B 31 -27.41 3.08 -23.33
CA LYS B 31 -28.53 2.89 -24.27
C LYS B 31 -29.29 4.19 -24.58
N VAL B 32 -29.36 5.10 -23.60
CA VAL B 32 -30.02 6.38 -23.79
C VAL B 32 -29.43 7.17 -24.97
N LEU B 33 -28.15 7.50 -24.87
CA LEU B 33 -27.49 8.19 -25.99
C LEU B 33 -27.35 7.31 -27.24
N LYS B 34 -27.27 5.99 -27.08
CA LYS B 34 -27.23 5.10 -28.24
C LYS B 34 -28.53 5.21 -29.06
N TYR B 35 -29.67 5.21 -28.37
CA TYR B 35 -30.94 5.39 -29.04
C TYR B 35 -30.94 6.68 -29.87
N LEU B 36 -30.53 7.79 -29.25
CA LEU B 36 -30.47 9.08 -29.93
C LEU B 36 -29.62 9.01 -31.19
N ILE B 37 -28.44 8.43 -31.09
CA ILE B 37 -27.52 8.37 -32.23
C ILE B 37 -28.07 7.51 -33.35
N GLN B 38 -28.63 6.36 -32.98
CA GLN B 38 -29.21 5.41 -33.94
C GLN B 38 -30.34 6.03 -34.73
N SER B 39 -31.27 6.66 -34.02
CA SER B 39 -32.42 7.31 -34.67
C SER B 39 -32.03 8.58 -35.44
N GLY B 40 -30.73 8.91 -35.44
CA GLY B 40 -30.19 10.04 -36.20
C GLY B 40 -30.35 11.38 -35.52
N LYS B 41 -30.92 11.35 -34.31
CA LYS B 41 -31.28 12.57 -33.58
C LYS B 41 -30.08 13.30 -32.96
N LEU B 42 -28.98 12.60 -32.66
CA LEU B 42 -27.85 13.29 -32.03
C LEU B 42 -26.65 13.49 -32.93
N LEU B 43 -26.35 12.50 -33.76
CA LEU B 43 -25.31 12.67 -34.79
C LEU B 43 -25.58 11.91 -36.08
N PRO B 44 -25.36 12.54 -37.27
CA PRO B 44 -25.31 11.85 -38.58
C PRO B 44 -24.37 10.66 -38.56
N SER B 45 -24.87 9.47 -38.93
CA SER B 45 -24.02 8.27 -39.01
C SER B 45 -24.74 7.13 -39.74
N PRO B 58 -14.83 1.89 -34.58
CA PRO B 58 -14.18 3.06 -33.98
C PRO B 58 -15.18 4.05 -33.35
N ILE B 59 -16.15 3.54 -32.59
CA ILE B 59 -17.09 4.38 -31.84
C ILE B 59 -17.15 3.98 -30.35
N PHE B 60 -17.24 4.98 -29.47
CA PHE B 60 -17.37 4.76 -28.03
C PHE B 60 -18.46 5.64 -27.44
N ILE B 61 -19.46 5.02 -26.82
CA ILE B 61 -20.53 5.76 -26.12
C ILE B 61 -20.50 5.35 -24.67
N SER B 62 -20.17 6.29 -23.79
CA SER B 62 -19.97 5.98 -22.39
C SER B 62 -21.26 5.65 -21.67
N HIS B 63 -21.15 4.95 -20.55
CA HIS B 63 -22.22 4.89 -19.56
C HIS B 63 -22.42 6.29 -19.06
N LEU B 64 -23.64 6.58 -18.62
CA LEU B 64 -23.91 7.84 -17.94
C LEU B 64 -23.21 7.83 -16.59
N GLY B 65 -22.64 8.97 -16.21
CA GLY B 65 -21.94 9.09 -14.94
C GLY B 65 -22.60 10.12 -14.06
N LEU B 66 -22.44 9.95 -12.77
CA LEU B 66 -23.02 10.84 -11.77
C LEU B 66 -22.02 10.95 -10.63
N ASN B 67 -21.74 12.18 -10.21
CA ASN B 67 -20.68 12.46 -9.22
C ASN B 67 -19.37 11.74 -9.57
N GLN B 68 -19.03 11.81 -10.86
CA GLN B 68 -17.75 11.31 -11.39
C GLN B 68 -17.57 9.79 -11.21
N ARG B 69 -18.66 9.06 -11.33
CA ARG B 69 -18.65 7.59 -11.24
C ARG B 69 -19.67 7.08 -12.27
N ARG B 70 -19.33 6.05 -13.02
CA ARG B 70 -20.27 5.48 -13.99
C ARG B 70 -21.35 4.65 -13.31
N LYS B 79 -30.77 1.95 -12.29
CA LYS B 79 -30.80 2.98 -11.23
C LYS B 79 -31.95 3.99 -11.47
N THR B 80 -32.48 4.53 -10.37
CA THR B 80 -33.49 5.59 -10.40
C THR B 80 -32.82 6.96 -10.27
N ILE B 81 -33.00 7.83 -11.27
CA ILE B 81 -32.36 9.14 -11.24
C ILE B 81 -33.42 10.21 -11.20
N SER B 82 -33.27 11.13 -10.24
CA SER B 82 -34.23 12.19 -10.03
C SER B 82 -34.09 13.31 -11.07
N ARG B 83 -35.22 13.93 -11.40
CA ARG B 83 -35.25 15.16 -12.18
C ARG B 83 -34.12 16.08 -11.75
N GLY B 84 -33.38 16.60 -12.72
CA GLY B 84 -32.40 17.66 -12.47
C GLY B 84 -30.97 17.21 -12.21
N SER B 85 -30.75 15.91 -12.01
CA SER B 85 -29.43 15.40 -11.71
C SER B 85 -28.52 15.60 -12.90
N LYS B 86 -27.26 15.98 -12.64
CA LYS B 86 -26.32 16.29 -13.69
C LYS B 86 -25.57 15.02 -14.03
N LEU B 87 -26.05 14.32 -15.04
CA LEU B 87 -25.36 13.16 -15.53
C LEU B 87 -24.38 13.63 -16.58
N SER B 88 -23.30 12.90 -16.75
CA SER B 88 -22.38 13.24 -17.81
C SER B 88 -22.17 12.04 -18.69
N SER B 89 -21.74 12.30 -19.91
CA SER B 89 -21.44 11.25 -20.86
C SER B 89 -20.30 11.69 -21.76
N THR B 90 -19.65 10.72 -22.38
CA THR B 90 -18.63 11.00 -23.37
C THR B 90 -18.90 10.14 -24.57
N ILE B 91 -18.77 10.74 -25.75
CA ILE B 91 -18.83 9.98 -26.99
C ILE B 91 -17.55 10.26 -27.74
N ALA B 92 -16.97 9.22 -28.32
CA ALA B 92 -15.73 9.37 -29.06
C ALA B 92 -15.77 8.53 -30.32
N PHE B 93 -15.15 9.04 -31.37
CA PHE B 93 -15.17 8.36 -32.67
C PHE B 93 -14.11 8.94 -33.60
N SER B 94 -13.83 8.21 -34.69
CA SER B 94 -12.87 8.65 -35.69
C SER B 94 -13.52 9.11 -37.00
N THR B 95 -12.84 10.04 -37.68
CA THR B 95 -13.14 10.41 -39.07
C THR B 95 -12.33 9.52 -40.02
N LEU B 100 -16.74 18.90 -40.82
CA LEU B 100 -16.60 17.67 -40.04
C LEU B 100 -17.44 17.65 -38.72
N PRO B 101 -17.61 18.82 -38.04
CA PRO B 101 -18.51 18.92 -36.84
C PRO B 101 -19.91 19.45 -37.07
N GLU B 102 -20.95 18.71 -36.64
CA GLU B 102 -22.37 18.99 -36.92
C GLU B 102 -23.26 18.55 -35.74
N LEU B 103 -23.01 19.17 -34.58
CA LEU B 103 -23.51 18.70 -33.30
C LEU B 103 -24.25 19.80 -32.58
N ASP B 104 -25.52 19.57 -32.24
CA ASP B 104 -26.33 20.57 -31.56
C ASP B 104 -26.69 20.13 -30.12
N GLU B 105 -27.44 20.99 -29.44
CA GLU B 105 -27.76 20.85 -28.03
C GLU B 105 -29.26 21.05 -27.87
N GLY B 106 -29.74 20.83 -26.64
CA GLY B 106 -31.12 21.13 -26.28
C GLY B 106 -31.85 19.96 -25.67
N VAL B 107 -33.17 19.98 -25.75
CA VAL B 107 -34.00 18.91 -25.18
C VAL B 107 -34.23 17.79 -26.19
N PHE B 108 -34.00 16.55 -25.76
CA PHE B 108 -34.22 15.38 -26.60
C PHE B 108 -35.23 14.45 -25.97
N GLU B 109 -36.10 13.87 -26.79
CA GLU B 109 -37.09 12.90 -26.32
C GLU B 109 -36.55 11.49 -26.45
N THR B 110 -36.85 10.64 -25.48
CA THR B 110 -36.37 9.27 -25.46
C THR B 110 -37.44 8.36 -24.90
N ILE B 111 -37.38 7.09 -25.24
CA ILE B 111 -38.30 6.13 -24.62
C ILE B 111 -38.08 6.08 -23.10
N TYR B 112 -36.86 6.42 -22.67
CA TYR B 112 -36.49 6.47 -21.25
C TYR B 112 -36.84 7.82 -20.62
N GLY B 113 -37.29 8.77 -21.43
CA GLY B 113 -37.74 10.08 -20.93
C GLY B 113 -37.15 11.23 -21.72
N LYS B 114 -37.40 12.45 -21.25
CA LYS B 114 -36.84 13.63 -21.89
C LYS B 114 -35.57 14.08 -21.15
N PHE B 115 -34.57 14.48 -21.94
CA PHE B 115 -33.27 14.85 -21.43
C PHE B 115 -32.78 16.15 -22.05
N HIS B 116 -32.18 16.99 -21.22
CA HIS B 116 -31.51 18.21 -21.69
C HIS B 116 -30.06 17.89 -21.85
N ILE B 117 -29.58 17.95 -23.09
CA ILE B 117 -28.20 17.59 -23.38
C ILE B 117 -27.46 18.81 -23.90
N THR B 118 -26.41 19.22 -23.18
CA THR B 118 -25.55 20.29 -23.63
C THR B 118 -24.11 19.79 -23.71
N ILE B 119 -23.25 20.54 -24.39
CA ILE B 119 -21.87 20.12 -24.61
C ILE B 119 -20.97 20.79 -23.59
N GLU B 120 -20.27 19.97 -22.83
CA GLU B 120 -19.30 20.41 -21.84
C GLU B 120 -17.95 20.68 -22.49
N SER B 121 -17.56 19.84 -23.44
CA SER B 121 -16.24 19.95 -24.07
C SER B 121 -16.16 19.27 -25.42
N VAL B 122 -15.24 19.75 -26.24
CA VAL B 122 -14.88 19.11 -27.51
C VAL B 122 -13.36 19.07 -27.65
N GLU B 123 -12.83 17.87 -27.79
CA GLU B 123 -11.43 17.65 -28.12
C GLU B 123 -11.40 17.12 -29.54
N ILE B 124 -10.67 17.80 -30.40
CA ILE B 124 -10.39 17.28 -31.73
C ILE B 124 -8.88 17.04 -31.84
N VAL B 125 -8.50 15.78 -32.01
CA VAL B 125 -7.07 15.45 -32.12
C VAL B 125 -6.79 14.75 -33.46
N GLU B 126 -5.75 15.23 -34.15
CA GLU B 126 -5.24 14.59 -35.34
C GLU B 126 -4.47 13.35 -34.94
N VAL B 127 -4.76 12.22 -35.60
CA VAL B 127 -4.01 10.98 -35.39
C VAL B 127 -2.46 11.12 -35.42
N GLU B 128 -1.95 12.03 -36.24
CA GLU B 128 -0.51 12.31 -36.28
C GLU B 128 0.00 13.07 -35.04
N LYS B 129 -0.80 13.97 -34.50
CA LYS B 129 -0.42 14.70 -33.28
C LYS B 129 -0.25 13.74 -32.08
N LEU B 130 -0.87 12.55 -32.16
CA LEU B 130 -0.67 11.53 -31.13
C LEU B 130 0.76 11.11 -31.05
N LYS B 131 1.37 10.83 -32.20
CA LYS B 131 2.78 10.44 -32.23
C LYS B 131 3.67 11.49 -31.58
N GLU B 132 3.29 12.75 -31.67
CA GLU B 132 4.11 13.83 -31.11
C GLU B 132 4.02 13.93 -29.59
N GLU B 133 2.83 13.65 -29.04
CA GLU B 133 2.62 13.67 -27.58
C GLU B 133 3.27 12.50 -26.88
N VAL B 134 3.43 11.39 -27.60
CA VAL B 134 4.17 10.27 -27.11
C VAL B 134 5.54 10.71 -26.61
N GLU B 135 6.21 11.58 -27.35
CA GLU B 135 7.58 11.96 -27.03
C GLU B 135 7.69 12.69 -25.68
N LYS B 136 6.66 13.47 -25.34
CA LYS B 136 6.64 14.13 -24.03
C LYS B 136 6.70 13.13 -22.86
N HIS B 137 6.25 11.90 -23.08
CA HIS B 137 6.13 10.94 -21.98
C HIS B 137 7.09 9.78 -22.00
N MSE B 138 8.13 9.85 -22.81
CA MSE B 138 9.06 8.73 -22.91
C MSE B 138 9.70 8.37 -21.58
O MSE B 138 9.95 7.20 -21.33
CB MSE B 138 10.11 8.98 -24.00
CG MSE B 138 9.51 8.84 -25.39
SE MSE B 138 8.83 7.01 -25.75
CE MSE B 138 10.57 6.12 -25.50
N ASN B 139 9.91 9.36 -20.71
CA ASN B 139 10.46 9.14 -19.37
C ASN B 139 9.45 9.10 -18.24
N ASP B 140 8.17 8.88 -18.57
CA ASP B 140 7.17 8.89 -17.56
C ASP B 140 6.65 7.46 -17.38
N ASN B 141 6.19 7.18 -16.18
CA ASN B 141 5.47 5.95 -15.93
C ASN B 141 4.07 6.04 -16.50
N ILE B 142 3.44 4.90 -16.68
CA ILE B 142 2.15 4.84 -17.30
C ILE B 142 1.12 4.31 -16.30
N ARG B 143 0.03 5.04 -16.11
CA ARG B 143 -1.05 4.56 -15.30
C ARG B 143 -2.27 4.39 -16.19
N VAL B 144 -2.77 3.17 -16.27
CA VAL B 144 -4.03 2.90 -16.95
C VAL B 144 -5.09 2.67 -15.88
N ARG B 145 -6.19 3.40 -15.96
CA ARG B 145 -7.32 3.22 -15.04
C ARG B 145 -8.51 2.70 -15.81
N PHE B 146 -9.13 1.64 -15.33
CA PHE B 146 -10.33 1.12 -15.96
C PHE B 146 -11.52 1.74 -15.25
N ILE B 147 -12.11 2.73 -15.90
CA ILE B 147 -13.13 3.57 -15.30
C ILE B 147 -14.46 2.87 -15.41
N SER B 148 -14.62 2.09 -16.46
CA SER B 148 -15.78 1.21 -16.57
C SER B 148 -15.30 -0.22 -16.68
N PRO B 149 -16.14 -1.17 -16.28
CA PRO B 149 -15.72 -2.55 -16.41
C PRO B 149 -15.19 -2.84 -17.81
N THR B 150 -14.02 -3.48 -17.85
CA THR B 150 -13.31 -3.73 -19.08
C THR B 150 -13.25 -5.22 -19.38
N LEU B 151 -13.58 -5.57 -20.62
CA LEU B 151 -13.71 -6.96 -21.02
C LEU B 151 -12.66 -7.36 -22.06
N LEU B 152 -11.50 -7.84 -21.61
CA LEU B 152 -10.40 -8.22 -22.50
C LEU B 152 -10.33 -9.74 -22.60
N SER B 153 -10.32 -10.27 -23.81
CA SER B 153 -10.24 -11.72 -23.95
C SER B 153 -8.78 -12.19 -23.92
N SER B 154 -8.52 -13.14 -23.06
CA SER B 154 -7.17 -13.67 -22.90
C SER B 154 -6.61 -14.29 -24.19
N LYS B 155 -7.49 -14.87 -24.99
CA LYS B 155 -7.07 -15.55 -26.20
C LYS B 155 -6.38 -14.62 -27.20
N VAL B 156 -6.42 -13.30 -26.97
CA VAL B 156 -5.67 -12.38 -27.84
C VAL B 156 -4.18 -12.67 -27.75
N LEU B 157 -3.73 -13.20 -26.61
CA LEU B 157 -2.34 -13.63 -26.47
C LEU B 157 -2.11 -15.12 -26.74
N LEU B 158 -3.03 -15.79 -27.39
CA LEU B 158 -2.82 -17.16 -27.85
C LEU B 158 -2.13 -17.09 -29.18
N PRO B 159 -1.09 -17.89 -29.41
CA PRO B 159 -0.49 -17.90 -30.72
C PRO B 159 -1.56 -18.25 -31.75
N PRO B 160 -1.77 -17.39 -32.75
CA PRO B 160 -2.82 -17.60 -33.75
C PRO B 160 -2.84 -18.99 -34.36
N SER B 161 -1.68 -19.60 -34.56
CA SER B 161 -1.62 -20.94 -35.13
C SER B 161 -2.32 -22.00 -34.27
N LEU B 162 -2.58 -21.68 -33.00
CA LEU B 162 -3.25 -22.60 -32.10
C LEU B 162 -4.74 -22.31 -31.89
N SER B 163 -5.27 -21.29 -32.55
CA SER B 163 -6.70 -20.94 -32.46
C SER B 163 -7.65 -22.07 -32.75
N GLU B 164 -7.39 -22.83 -33.81
CA GLU B 164 -8.26 -23.92 -34.15
C GLU B 164 -8.15 -24.99 -33.06
N ARG B 165 -6.92 -25.41 -32.75
CA ARG B 165 -6.70 -26.40 -31.69
C ARG B 165 -7.51 -26.13 -30.40
N TYR B 166 -7.55 -24.87 -29.97
CA TYR B 166 -8.21 -24.51 -28.71
C TYR B 166 -9.54 -23.79 -28.92
N LYS B 167 -10.13 -24.05 -30.09
CA LYS B 167 -11.45 -23.53 -30.50
C LYS B 167 -12.50 -23.71 -29.40
N ARG B 168 -12.50 -24.88 -28.76
CA ARG B 168 -13.54 -25.25 -27.79
C ARG B 168 -13.28 -24.74 -26.39
N VAL B 169 -12.09 -24.23 -26.14
CA VAL B 169 -11.74 -23.76 -24.81
C VAL B 169 -12.30 -22.37 -24.54
N ASN B 170 -13.15 -22.24 -23.53
CA ASN B 170 -13.72 -20.95 -23.19
C ASN B 170 -12.95 -20.29 -22.03
N ALA B 171 -12.00 -19.42 -22.37
CA ALA B 171 -11.20 -18.69 -21.37
C ALA B 171 -11.99 -17.57 -20.71
N GLY B 172 -13.00 -17.05 -21.42
CA GLY B 172 -13.75 -15.88 -20.94
C GLY B 172 -12.93 -14.62 -20.99
N TYR B 173 -13.38 -13.58 -20.30
CA TYR B 173 -12.63 -12.33 -20.18
C TYR B 173 -11.73 -12.33 -18.96
N SER B 174 -10.55 -11.74 -19.13
CA SER B 174 -9.59 -11.65 -18.09
C SER B 174 -10.10 -10.81 -16.93
N THR B 175 -10.00 -11.34 -15.73
CA THR B 175 -10.32 -10.60 -14.53
C THR B 175 -9.04 -10.03 -13.90
N LEU B 176 -7.88 -10.32 -14.49
CA LEU B 176 -6.61 -9.77 -14.06
C LEU B 176 -5.73 -9.64 -15.28
N PRO B 177 -5.97 -8.61 -16.08
CA PRO B 177 -5.25 -8.55 -17.33
C PRO B 177 -3.83 -8.09 -17.14
N SER B 178 -2.90 -8.72 -17.84
CA SER B 178 -1.51 -8.37 -17.79
C SER B 178 -1.28 -7.19 -18.69
N VAL B 179 -0.19 -6.48 -18.43
CA VAL B 179 0.20 -5.37 -19.30
C VAL B 179 0.18 -5.76 -20.77
N GLY B 180 0.66 -6.96 -21.07
CA GLY B 180 0.68 -7.41 -22.45
C GLY B 180 -0.68 -7.41 -23.09
N LEU B 181 -1.65 -7.96 -22.36
CA LEU B 181 -3.00 -8.07 -22.87
C LEU B 181 -3.56 -6.66 -23.10
N ILE B 182 -3.28 -5.74 -22.17
CA ILE B 182 -3.79 -4.38 -22.28
C ILE B 182 -3.28 -3.74 -23.57
N VAL B 183 -1.96 -3.66 -23.71
CA VAL B 183 -1.35 -3.02 -24.89
C VAL B 183 -1.64 -3.74 -26.19
N ALA B 184 -1.84 -5.04 -26.12
CA ALA B 184 -2.26 -5.78 -27.30
C ALA B 184 -3.61 -5.25 -27.78
N TYR B 185 -4.54 -5.13 -26.84
CA TYR B 185 -5.85 -4.59 -27.14
C TYR B 185 -5.75 -3.16 -27.68
N ALA B 186 -4.84 -2.38 -27.12
CA ALA B 186 -4.62 -1.02 -27.60
C ALA B 186 -4.14 -1.02 -29.04
N TYR B 187 -3.20 -1.90 -29.35
CA TYR B 187 -2.67 -1.99 -30.71
C TYR B 187 -3.83 -2.26 -31.70
N ASN B 188 -4.71 -3.16 -31.35
CA ASN B 188 -5.86 -3.49 -32.19
C ASN B 188 -6.77 -2.31 -32.45
N VAL B 189 -7.02 -1.53 -31.42
CA VAL B 189 -7.86 -0.35 -31.52
C VAL B 189 -7.16 0.65 -32.42
N TYR B 190 -5.88 0.88 -32.17
CA TYR B 190 -5.09 1.77 -33.04
C TYR B 190 -5.16 1.37 -34.52
N CYS B 191 -5.07 0.08 -34.82
CA CYS B 191 -5.12 -0.34 -36.21
C CYS B 191 -6.45 0.02 -36.85
N ASN B 192 -7.53 -0.30 -36.16
CA ASN B 192 -8.86 0.07 -36.65
C ASN B 192 -9.01 1.57 -36.80
N LEU B 193 -8.42 2.32 -35.88
CA LEU B 193 -8.47 3.76 -35.94
C LEU B 193 -7.81 4.27 -37.22
N ILE B 194 -6.58 3.84 -37.49
CA ILE B 194 -5.89 4.28 -38.71
C ILE B 194 -6.35 3.50 -39.93
N GLY B 195 -7.41 2.71 -39.77
CA GLY B 195 -8.10 2.08 -40.89
C GLY B 195 -7.43 0.82 -41.40
N LYS B 196 -6.35 0.40 -40.76
CA LYS B 196 -5.66 -0.81 -41.17
C LYS B 196 -6.30 -2.00 -40.45
N LYS B 197 -6.36 -3.13 -41.16
CA LYS B 197 -6.84 -4.40 -40.60
C LYS B 197 -5.98 -4.75 -39.43
N GLU B 198 -6.57 -5.08 -38.28
CA GLU B 198 -5.77 -5.65 -37.20
C GLU B 198 -5.23 -7.02 -37.59
N VAL B 199 -3.99 -7.27 -37.18
CA VAL B 199 -3.35 -8.53 -37.46
C VAL B 199 -3.16 -9.23 -36.13
N GLU B 200 -3.75 -10.41 -36.01
CA GLU B 200 -3.71 -11.17 -34.76
C GLU B 200 -2.28 -11.43 -34.31
N VAL B 201 -1.40 -11.67 -35.27
CA VAL B 201 -0.05 -12.10 -35.01
C VAL B 201 0.78 -10.95 -34.45
N ARG B 202 0.59 -9.75 -34.99
CA ARG B 202 1.28 -8.59 -34.49
C ARG B 202 0.81 -8.29 -33.07
N ALA B 203 -0.49 -8.40 -32.83
CA ALA B 203 -1.04 -8.21 -31.47
C ALA B 203 -0.42 -9.20 -30.50
N PHE B 204 -0.46 -10.47 -30.88
CA PHE B 204 0.10 -11.54 -30.07
C PHE B 204 1.55 -11.25 -29.73
N LYS B 205 2.38 -11.07 -30.76
CA LYS B 205 3.80 -10.81 -30.53
C LYS B 205 4.01 -9.61 -29.66
N PHE B 206 3.29 -8.53 -29.93
CA PHE B 206 3.45 -7.29 -29.15
C PHE B 206 3.10 -7.47 -27.68
N GLY B 207 2.10 -8.30 -27.40
CA GLY B 207 1.68 -8.53 -25.99
C GLY B 207 2.59 -9.47 -25.24
N VAL B 208 3.03 -10.53 -25.93
CA VAL B 208 3.95 -11.50 -25.36
C VAL B 208 5.22 -10.78 -24.95
N ILE B 209 5.77 -9.98 -25.85
CA ILE B 209 7.03 -9.30 -25.57
C ILE B 209 6.84 -8.29 -24.48
N SER B 210 5.68 -7.63 -24.45
CA SER B 210 5.40 -6.64 -23.39
C SER B 210 5.23 -7.27 -22.00
N ASN B 211 4.62 -8.46 -21.93
CA ASN B 211 4.58 -9.18 -20.67
C ASN B 211 5.98 -9.55 -20.18
N ALA B 212 6.89 -9.78 -21.10
CA ALA B 212 8.22 -10.22 -20.76
C ALA B 212 9.04 -9.07 -20.18
N LEU B 213 8.80 -7.87 -20.70
CA LEU B 213 9.69 -6.75 -20.43
C LEU B 213 9.11 -5.67 -19.50
N SER B 214 7.81 -5.65 -19.26
CA SER B 214 7.23 -4.58 -18.43
C SER B 214 7.48 -4.71 -16.95
N ARG B 215 7.47 -3.56 -16.32
CA ARG B 215 7.75 -3.42 -14.92
C ARG B 215 6.45 -2.85 -14.34
N ILE B 216 5.88 -3.55 -13.38
CA ILE B 216 4.63 -3.12 -12.79
C ILE B 216 4.95 -2.45 -11.49
N ILE B 217 4.54 -1.17 -11.39
CA ILE B 217 4.92 -0.33 -10.27
C ILE B 217 3.91 -0.43 -9.15
N GLY B 218 2.65 -0.56 -9.47
CA GLY B 218 1.61 -0.62 -8.45
C GLY B 218 0.28 -0.87 -9.09
N TYR B 219 -0.73 -1.18 -8.29
CA TYR B 219 -2.03 -1.54 -8.85
C TYR B 219 -3.09 -1.72 -7.80
N ASP B 220 -4.33 -1.60 -8.25
CA ASP B 220 -5.49 -1.92 -7.45
C ASP B 220 -6.52 -2.43 -8.40
N LEU B 221 -6.55 -3.73 -8.62
CA LEU B 221 -7.44 -4.32 -9.60
C LEU B 221 -8.40 -5.23 -8.88
N HIS B 222 -9.57 -5.40 -9.45
CA HIS B 222 -10.53 -6.36 -8.93
C HIS B 222 -11.54 -6.81 -9.95
N PRO B 223 -12.03 -8.06 -9.82
CA PRO B 223 -13.06 -8.56 -10.73
C PRO B 223 -14.39 -7.88 -10.52
N VAL B 224 -15.17 -7.81 -11.59
CA VAL B 224 -16.52 -7.36 -11.49
C VAL B 224 -17.32 -8.24 -12.43
N THR B 225 -18.52 -8.60 -11.99
CA THR B 225 -19.49 -9.30 -12.81
C THR B 225 -20.64 -8.34 -12.99
N ILE B 226 -21.01 -8.08 -14.23
CA ILE B 226 -21.97 -7.04 -14.51
C ILE B 226 -22.96 -7.54 -15.53
N VAL B 227 -24.08 -6.83 -15.64
CA VAL B 227 -25.06 -7.10 -16.65
C VAL B 227 -24.71 -6.21 -17.83
N ILE B 228 -24.38 -6.85 -18.95
CA ILE B 228 -24.01 -6.21 -20.19
C ILE B 228 -25.16 -5.62 -20.98
N GLY B 229 -26.35 -6.20 -20.83
CA GLY B 229 -27.50 -5.83 -21.63
C GLY B 229 -28.44 -6.98 -21.78
N GLU B 230 -29.40 -6.85 -22.68
CA GLU B 230 -30.25 -7.99 -23.05
C GLU B 230 -29.59 -8.75 -24.19
N ASP B 231 -30.16 -9.86 -24.59
CA ASP B 231 -29.66 -10.56 -25.78
C ASP B 231 -30.74 -10.55 -26.88
N SER B 232 -30.48 -11.28 -27.95
CA SER B 232 -31.46 -11.39 -29.05
C SER B 232 -32.87 -11.67 -28.54
N LYS B 233 -32.98 -12.56 -27.55
CA LYS B 233 -34.28 -13.01 -27.01
C LYS B 233 -34.81 -12.11 -25.91
N GLY B 234 -33.97 -11.22 -25.38
CA GLY B 234 -34.36 -10.39 -24.25
C GLY B 234 -33.84 -10.87 -22.91
N ASN B 235 -33.10 -11.99 -22.91
CA ASN B 235 -32.48 -12.49 -21.71
C ASN B 235 -31.33 -11.63 -21.29
N LEU B 236 -31.19 -11.41 -20.00
CA LEU B 236 -30.07 -10.61 -19.48
C LEU B 236 -28.77 -11.34 -19.70
N ARG B 237 -27.74 -10.63 -20.13
CA ARG B 237 -26.43 -11.22 -20.30
C ARG B 237 -25.45 -10.67 -19.27
N LYS B 238 -24.71 -11.57 -18.63
CA LYS B 238 -23.72 -11.20 -17.64
C LYS B 238 -22.35 -11.38 -18.26
N ALA B 239 -21.38 -10.71 -17.68
CA ALA B 239 -20.02 -10.87 -18.06
C ALA B 239 -19.20 -10.55 -16.85
N ARG B 240 -17.98 -11.05 -16.86
CA ARG B 240 -17.08 -10.85 -15.79
C ARG B 240 -15.82 -10.20 -16.36
N GLY B 241 -15.45 -9.03 -15.84
CA GLY B 241 -14.24 -8.34 -16.32
C GLY B 241 -13.49 -7.75 -15.16
N VAL B 242 -12.81 -6.63 -15.43
CA VAL B 242 -11.96 -6.01 -14.45
C VAL B 242 -12.24 -4.50 -14.35
N MSE B 243 -11.96 -3.94 -13.18
CA MSE B 243 -11.90 -2.50 -12.98
C MSE B 243 -10.75 -2.26 -12.06
O MSE B 243 -10.28 -3.18 -11.40
CB MSE B 243 -13.16 -2.03 -12.29
CG MSE B 243 -14.19 -1.60 -13.33
SE MSE B 243 -15.71 -0.81 -12.40
CE MSE B 243 -14.97 1.01 -12.28
N GLY B 244 -10.32 -1.01 -11.97
CA GLY B 244 -9.24 -0.63 -11.07
C GLY B 244 -8.19 0.09 -11.89
N TRP B 245 -6.96 0.12 -11.40
CA TRP B 245 -5.87 0.72 -12.16
C TRP B 245 -4.59 -0.04 -12.01
N ILE B 246 -3.71 0.18 -12.96
CA ILE B 246 -2.42 -0.45 -12.95
C ILE B 246 -1.42 0.60 -13.43
N GLU B 247 -0.27 0.65 -12.77
CA GLU B 247 0.78 1.56 -13.12
C GLU B 247 2.04 0.76 -13.50
N PHE B 248 2.67 1.15 -14.60
CA PHE B 248 3.80 0.38 -15.09
C PHE B 248 4.72 1.17 -15.99
N ASP B 249 5.80 0.51 -16.39
CA ASP B 249 6.71 1.07 -17.36
C ASP B 249 7.22 0.00 -18.29
N ILE B 250 7.65 0.42 -19.46
CA ILE B 250 8.27 -0.47 -20.39
C ILE B 250 9.67 0.07 -20.59
N PRO B 251 10.67 -0.59 -20.00
CA PRO B 251 12.05 -0.13 -20.11
C PRO B 251 12.78 -0.57 -21.40
N ASP B 252 12.11 -0.51 -22.54
CA ASP B 252 12.77 -0.53 -23.84
C ASP B 252 12.21 0.63 -24.66
N GLU B 253 13.05 1.59 -24.98
CA GLU B 253 12.65 2.76 -25.74
C GLU B 253 11.68 2.45 -26.92
N LYS B 254 12.09 1.61 -27.85
CA LYS B 254 11.29 1.35 -29.06
C LYS B 254 9.92 0.73 -28.75
N LEU B 255 9.88 -0.14 -27.76
CA LEU B 255 8.65 -0.79 -27.42
C LEU B 255 7.72 0.21 -26.70
N LYS B 256 8.31 1.10 -25.90
CA LYS B 256 7.53 2.05 -25.12
C LYS B 256 6.90 3.02 -26.08
N ARG B 257 7.66 3.41 -27.09
CA ARG B 257 7.18 4.39 -28.05
C ARG B 257 5.98 3.84 -28.79
N ARG B 258 6.00 2.55 -29.13
CA ARG B 258 4.84 1.96 -29.75
C ARG B 258 3.67 1.89 -28.78
N ALA B 259 3.93 1.40 -27.57
CA ALA B 259 2.87 1.23 -26.58
C ALA B 259 2.19 2.55 -26.24
N LEU B 260 2.96 3.63 -26.09
CA LEU B 260 2.35 4.93 -25.77
C LEU B 260 1.37 5.35 -26.85
N ARG B 261 1.79 5.22 -28.09
CA ARG B 261 0.96 5.59 -29.24
C ARG B 261 -0.38 4.84 -29.21
N TYR B 262 -0.31 3.53 -28.99
CA TYR B 262 -1.49 2.72 -29.02
C TYR B 262 -2.37 3.03 -27.83
N LEU B 263 -1.76 3.13 -26.65
CA LEU B 263 -2.51 3.48 -25.47
C LEU B 263 -3.21 4.86 -25.63
N LEU B 264 -2.50 5.84 -26.15
CA LEU B 264 -3.05 7.15 -26.34
C LEU B 264 -4.32 7.05 -27.17
N ALA B 265 -4.30 6.24 -28.21
CA ALA B 265 -5.47 6.05 -29.05
C ALA B 265 -6.59 5.39 -28.26
N SER B 266 -6.29 4.35 -27.50
CA SER B 266 -7.29 3.71 -26.62
C SER B 266 -7.92 4.65 -25.63
N SER B 267 -7.18 5.65 -25.20
CA SER B 267 -7.72 6.61 -24.23
C SER B 267 -8.85 7.46 -24.82
N TYR B 268 -9.04 7.40 -26.13
CA TYR B 268 -10.18 8.03 -26.80
C TYR B 268 -11.27 7.04 -27.10
N LEU B 269 -10.90 5.83 -27.53
CA LEU B 269 -11.86 4.91 -28.11
C LEU B 269 -12.24 3.78 -27.19
N GLY B 270 -11.62 3.74 -26.02
CA GLY B 270 -11.83 2.67 -25.07
C GLY B 270 -11.15 1.39 -25.53
N ILE B 271 -11.32 0.35 -24.73
CA ILE B 271 -10.57 -0.89 -24.90
C ILE B 271 -11.46 -2.12 -24.68
N GLY B 272 -11.21 -3.18 -25.42
CA GLY B 272 -11.86 -4.45 -25.16
C GLY B 272 -13.23 -4.52 -25.79
N ARG B 273 -14.01 -5.52 -25.41
CA ARG B 273 -15.30 -5.73 -26.01
C ARG B 273 -16.35 -4.74 -25.49
N SER B 274 -17.30 -4.41 -26.38
CA SER B 274 -18.49 -3.62 -26.08
C SER B 274 -18.20 -2.17 -25.72
N ARG B 275 -17.22 -1.59 -26.41
CA ARG B 275 -16.89 -0.19 -26.21
C ARG B 275 -17.99 0.72 -26.70
N GLY B 276 -18.66 0.33 -27.78
CA GLY B 276 -19.76 1.10 -28.29
C GLY B 276 -20.92 1.20 -27.33
N ILE B 277 -20.87 0.40 -26.28
CA ILE B 277 -21.90 0.36 -25.27
C ILE B 277 -21.33 0.87 -23.95
N GLY B 278 -20.07 1.28 -23.95
CA GLY B 278 -19.50 2.00 -22.82
C GLY B 278 -18.54 1.23 -21.94
N PHE B 279 -18.28 -0.02 -22.29
CA PHE B 279 -17.37 -0.83 -21.50
C PHE B 279 -15.97 -0.55 -21.98
N GLY B 280 -15.00 -0.72 -21.10
CA GLY B 280 -13.62 -0.60 -21.50
C GLY B 280 -13.17 0.84 -21.58
N GLU B 281 -13.80 1.65 -20.75
CA GLU B 281 -13.45 3.04 -20.67
C GLU B 281 -12.19 3.16 -19.86
N ILE B 282 -11.17 3.78 -20.44
CA ILE B 282 -9.95 3.96 -19.71
C ILE B 282 -9.58 5.42 -19.62
N LYS B 283 -8.87 5.73 -18.56
CA LYS B 283 -8.23 7.01 -18.41
C LYS B 283 -6.73 6.73 -18.27
N LEU B 284 -5.92 7.49 -19.01
CA LEU B 284 -4.49 7.27 -19.14
C LEU B 284 -3.78 8.42 -18.45
N GLU B 285 -2.86 8.11 -17.55
CA GLU B 285 -2.16 9.14 -16.83
C GLU B 285 -0.68 8.82 -16.88
N PHE B 286 0.11 9.88 -17.04
CA PHE B 286 1.54 9.73 -17.08
C PHE B 286 2.12 10.28 -15.80
N ILE B 287 2.89 9.47 -15.09
CA ILE B 287 3.43 9.88 -13.79
C ILE B 287 4.87 10.30 -14.00
N LYS B 288 5.16 11.55 -13.63
CA LYS B 288 6.49 12.09 -13.72
C LYS B 288 7.36 11.47 -12.62
N ARG B 289 8.67 11.46 -12.86
CA ARG B 289 9.58 10.60 -12.18
C ARG B 289 10.70 11.41 -11.57
N ILE C 10 -22.12 -1.49 29.55
CA ILE C 10 -20.87 -2.10 28.99
C ILE C 10 -20.21 -1.15 27.89
N PHE C 11 -18.96 -1.38 27.40
CA PHE C 11 -18.14 -0.31 26.75
C PHE C 11 -17.60 -0.50 25.31
N LYS C 12 -17.34 0.66 24.71
CA LYS C 12 -16.91 0.77 23.32
C LYS C 12 -15.73 1.75 23.27
N ILE C 13 -14.51 1.21 23.08
CA ILE C 13 -13.32 2.07 23.00
C ILE C 13 -12.86 2.21 21.56
N GLY C 14 -12.60 3.46 21.17
CA GLY C 14 -12.08 3.79 19.85
C GLY C 14 -10.59 4.03 19.92
N TYR C 15 -9.82 3.23 19.19
CA TYR C 15 -8.37 3.38 19.18
C TYR C 15 -7.90 4.08 17.92
N ASN C 16 -6.83 4.85 18.07
CA ASN C 16 -6.02 5.31 16.94
C ASN C 16 -4.80 4.37 16.87
N VAL C 17 -4.51 3.88 15.68
CA VAL C 17 -3.48 2.88 15.47
C VAL C 17 -2.58 3.33 14.34
N ILE C 18 -1.36 3.71 14.70
CA ILE C 18 -0.40 4.25 13.75
C ILE C 18 0.79 3.30 13.63
N PRO C 19 0.96 2.67 12.46
CA PRO C 19 2.15 1.86 12.25
C PRO C 19 3.39 2.74 12.16
N LEU C 20 4.42 2.35 12.91
CA LEU C 20 5.67 3.12 12.98
C LEU C 20 6.64 2.74 11.86
N GLN C 21 6.30 1.68 11.11
CA GLN C 21 7.01 1.26 9.91
C GLN C 21 5.96 0.87 8.86
N ASP C 22 6.37 0.78 7.59
CA ASP C 22 5.47 0.25 6.58
C ASP C 22 5.08 -1.15 7.02
N VAL C 23 3.82 -1.53 6.85
CA VAL C 23 3.35 -2.78 7.38
C VAL C 23 2.43 -3.50 6.40
N ILE C 24 2.37 -4.82 6.50
CA ILE C 24 1.50 -5.63 5.67
C ILE C 24 0.48 -6.24 6.59
N LEU C 25 -0.76 -5.77 6.52
CA LEU C 25 -1.75 -6.17 7.50
C LEU C 25 -2.13 -7.62 7.28
N PRO C 26 -2.43 -8.34 8.35
CA PRO C 26 -2.93 -9.69 8.20
C PRO C 26 -4.37 -9.70 7.70
N THR C 27 -4.89 -10.90 7.44
CA THR C 27 -6.27 -11.11 7.04
C THR C 27 -6.94 -12.04 8.02
N PRO C 28 -7.99 -11.57 8.70
CA PRO C 28 -8.52 -10.20 8.69
C PRO C 28 -7.62 -9.28 9.49
N SER C 29 -7.70 -7.98 9.21
CA SER C 29 -6.82 -7.00 9.87
C SER C 29 -7.05 -6.86 11.36
N SER C 30 -8.17 -7.35 11.87
CA SER C 30 -8.41 -7.41 13.30
C SER C 30 -7.40 -8.32 14.03
N LYS C 31 -6.67 -9.16 13.30
CA LYS C 31 -5.66 -10.04 13.94
C LYS C 31 -4.56 -9.27 14.71
N VAL C 32 -4.22 -8.08 14.24
CA VAL C 32 -3.22 -7.24 14.92
C VAL C 32 -3.60 -7.00 16.39
N LEU C 33 -4.74 -6.35 16.60
CA LEU C 33 -5.20 -6.10 17.96
C LEU C 33 -5.59 -7.40 18.69
N LYS C 34 -6.03 -8.43 17.97
CA LYS C 34 -6.32 -9.71 18.62
C LYS C 34 -5.05 -10.30 19.22
N TYR C 35 -3.95 -10.24 18.47
CA TYR C 35 -2.67 -10.75 18.97
C TYR C 35 -2.30 -10.06 20.26
N LEU C 36 -2.40 -8.73 20.27
CA LEU C 36 -2.09 -7.93 21.46
C LEU C 36 -2.92 -8.36 22.64
N ILE C 37 -4.22 -8.51 22.45
CA ILE C 37 -5.11 -8.84 23.54
C ILE C 37 -4.84 -10.25 24.08
N GLN C 38 -4.62 -11.19 23.17
CA GLN C 38 -4.35 -12.57 23.54
C GLN C 38 -3.09 -12.69 24.38
N SER C 39 -2.00 -12.06 23.92
CA SER C 39 -0.73 -12.10 24.62
C SER C 39 -0.74 -11.27 25.91
N GLY C 40 -1.89 -10.67 26.22
CA GLY C 40 -2.08 -9.93 27.46
C GLY C 40 -1.52 -8.52 27.43
N LYS C 41 -1.01 -8.12 26.27
CA LYS C 41 -0.33 -6.83 26.11
C LYS C 41 -1.27 -5.62 26.02
N LEU C 42 -2.52 -5.80 25.57
CA LEU C 42 -3.40 -4.61 25.45
C LEU C 42 -4.55 -4.52 26.45
N LEU C 43 -5.20 -5.65 26.74
CA LEU C 43 -6.24 -5.68 27.77
C LEU C 43 -6.23 -7.03 28.48
N PRO C 44 -6.15 -7.02 29.83
CA PRO C 44 -5.88 -8.24 30.59
C PRO C 44 -6.76 -9.44 30.22
N SER C 45 -8.08 -9.26 30.33
CA SER C 45 -9.04 -10.37 30.26
C SER C 45 -9.23 -10.77 28.81
N LEU C 46 -8.96 -12.05 28.48
CA LEU C 46 -8.95 -12.55 27.09
C LEU C 46 -10.33 -13.03 26.65
N PHE C 60 -16.23 -7.90 20.60
CA PHE C 60 -16.12 -7.46 19.21
C PHE C 60 -14.82 -6.68 19.00
N ILE C 61 -14.00 -7.17 18.07
CA ILE C 61 -12.75 -6.48 17.71
C ILE C 61 -12.80 -6.14 16.24
N SER C 62 -12.83 -4.86 15.94
CA SER C 62 -13.05 -4.42 14.57
C SER C 62 -11.85 -4.73 13.68
N HIS C 63 -12.11 -4.74 12.37
CA HIS C 63 -11.05 -4.59 11.39
C HIS C 63 -10.46 -3.22 11.56
N LEU C 64 -9.22 -3.05 11.17
CA LEU C 64 -8.59 -1.74 11.13
C LEU C 64 -9.24 -0.95 9.99
N GLY C 65 -9.49 0.32 10.21
CA GLY C 65 -10.08 1.18 9.20
C GLY C 65 -9.16 2.33 8.82
N LEU C 66 -9.35 2.83 7.59
CA LEU C 66 -8.68 4.02 7.09
C LEU C 66 -9.67 4.84 6.29
N LYS C 79 -3.20 -6.05 2.58
CA LYS C 79 -3.12 -4.60 2.35
C LYS C 79 -1.80 -4.01 2.89
N THR C 80 -1.11 -3.18 2.09
CA THR C 80 0.12 -2.52 2.50
C THR C 80 -0.15 -1.12 3.03
N ILE C 81 0.26 -0.88 4.27
CA ILE C 81 0.02 0.43 4.88
C ILE C 81 1.33 1.10 5.20
N SER C 82 1.45 2.34 4.77
CA SER C 82 2.70 3.09 4.96
C SER C 82 2.84 3.62 6.39
N ARG C 83 4.09 3.69 6.84
CA ARG C 83 4.44 4.36 8.10
C ARG C 83 3.65 5.63 8.24
N GLY C 84 3.05 5.82 9.43
CA GLY C 84 2.41 7.08 9.76
C GLY C 84 0.93 7.23 9.46
N SER C 85 0.34 6.27 8.73
CA SER C 85 -1.08 6.32 8.42
C SER C 85 -1.92 6.19 9.68
N LYS C 86 -3.02 6.94 9.76
CA LYS C 86 -3.92 6.92 10.92
C LYS C 86 -5.00 5.86 10.71
N LEU C 87 -4.76 4.66 11.22
CA LEU C 87 -5.76 3.62 11.19
C LEU C 87 -6.61 3.76 12.44
N SER C 88 -7.85 3.30 12.39
CA SER C 88 -8.68 3.30 13.58
C SER C 88 -9.24 1.93 13.83
N SER C 89 -9.61 1.68 15.07
CA SER C 89 -10.16 0.39 15.48
C SER C 89 -11.16 0.61 16.60
N THR C 90 -12.04 -0.37 16.78
CA THR C 90 -12.97 -0.35 17.88
C THR C 90 -12.97 -1.70 18.53
N ILE C 91 -12.96 -1.70 19.84
CA ILE C 91 -13.18 -2.92 20.60
C ILE C 91 -14.35 -2.67 21.56
N ALA C 92 -15.26 -3.64 21.62
CA ALA C 92 -16.45 -3.50 22.44
C ALA C 92 -16.72 -4.81 23.15
N PHE C 93 -17.25 -4.71 24.38
CA PHE C 93 -17.55 -5.90 25.20
C PHE C 93 -18.46 -5.54 26.37
N PRO C 101 -11.59 -0.70 34.59
CA PRO C 101 -11.15 -1.21 33.29
C PRO C 101 -9.76 -0.68 32.92
N GLU C 102 -8.70 -1.39 33.33
CA GLU C 102 -7.35 -0.79 33.30
C GLU C 102 -6.77 -0.89 31.92
N LEU C 103 -6.97 0.16 31.11
CA LEU C 103 -6.83 0.08 29.67
C LEU C 103 -5.85 1.14 29.21
N ASP C 104 -4.76 0.71 28.60
CA ASP C 104 -3.62 1.59 28.41
C ASP C 104 -3.30 1.92 26.94
N GLU C 105 -2.26 2.73 26.75
CA GLU C 105 -1.87 3.27 25.47
C GLU C 105 -0.36 3.08 25.27
N GLY C 106 0.18 3.46 24.11
CA GLY C 106 1.63 3.52 23.87
C GLY C 106 2.08 2.80 22.60
N VAL C 107 3.37 2.47 22.54
CA VAL C 107 3.93 1.75 21.40
C VAL C 107 3.94 0.26 21.69
N PHE C 108 3.34 -0.52 20.79
CA PHE C 108 3.20 -1.96 20.97
C PHE C 108 3.93 -2.72 19.87
N GLU C 109 4.60 -3.81 20.24
CA GLU C 109 5.29 -4.67 19.28
C GLU C 109 4.37 -5.79 18.82
N THR C 110 4.45 -6.12 17.54
CA THR C 110 3.62 -7.16 16.95
C THR C 110 4.42 -7.92 15.92
N ILE C 111 4.00 -9.15 15.64
CA ILE C 111 4.63 -9.92 14.55
C ILE C 111 4.41 -9.21 13.22
N TYR C 112 3.35 -8.41 13.15
CA TYR C 112 3.04 -7.61 11.97
C TYR C 112 3.76 -6.25 11.99
N GLY C 113 4.45 -5.95 13.07
CA GLY C 113 5.24 -4.72 13.18
C GLY C 113 4.96 -3.94 14.46
N LYS C 114 5.54 -2.75 14.56
CA LYS C 114 5.32 -1.89 15.73
C LYS C 114 4.26 -0.84 15.43
N PHE C 115 3.41 -0.60 16.42
CA PHE C 115 2.25 0.28 16.29
C PHE C 115 2.12 1.21 17.48
N HIS C 116 1.77 2.47 17.21
CA HIS C 116 1.43 3.43 18.25
C HIS C 116 -0.06 3.44 18.42
N ILE C 117 -0.54 3.01 19.59
CA ILE C 117 -1.97 2.89 19.82
C ILE C 117 -2.40 3.82 20.94
N THR C 118 -3.27 4.78 20.61
CA THR C 118 -3.83 5.70 21.61
C THR C 118 -5.35 5.63 21.58
N ILE C 119 -6.01 6.16 22.61
CA ILE C 119 -7.46 6.10 22.71
C ILE C 119 -8.12 7.36 22.17
N GLU C 120 -9.02 7.18 21.21
CA GLU C 120 -9.80 8.25 20.60
C GLU C 120 -11.04 8.55 21.42
N SER C 121 -11.66 7.50 21.95
CA SER C 121 -12.92 7.66 22.66
C SER C 121 -13.25 6.49 23.56
N VAL C 122 -14.07 6.79 24.57
CA VAL C 122 -14.64 5.78 25.44
C VAL C 122 -16.14 6.08 25.62
N GLU C 123 -16.98 5.15 25.20
CA GLU C 123 -18.42 5.20 25.42
C GLU C 123 -18.70 4.18 26.49
N ILE C 124 -19.32 4.60 27.59
CA ILE C 124 -19.76 3.67 28.62
C ILE C 124 -21.28 3.69 28.73
N VAL C 125 -21.90 2.54 28.48
CA VAL C 125 -23.34 2.44 28.51
C VAL C 125 -23.81 1.34 29.47
N GLU C 126 -24.72 1.70 30.38
CA GLU C 126 -25.43 0.72 31.20
C GLU C 126 -26.49 0.05 30.34
N VAL C 127 -26.54 -1.27 30.38
CA VAL C 127 -27.57 -2.05 29.67
C VAL C 127 -29.03 -1.57 29.91
N GLU C 128 -29.32 -1.06 31.10
CA GLU C 128 -30.65 -0.50 31.39
C GLU C 128 -30.90 0.84 30.70
N LYS C 129 -29.87 1.66 30.56
CA LYS C 129 -30.00 2.96 29.89
C LYS C 129 -30.34 2.78 28.39
N LEU C 130 -30.04 1.61 27.82
CA LEU C 130 -30.47 1.28 26.47
C LEU C 130 -31.98 1.33 26.35
N LYS C 131 -32.68 0.67 27.27
CA LYS C 131 -34.13 0.65 27.24
C LYS C 131 -34.71 2.07 27.24
N GLU C 132 -34.01 3.00 27.88
CA GLU C 132 -34.52 4.36 27.99
C GLU C 132 -34.36 5.16 26.70
N GLU C 133 -33.27 4.94 25.98
CA GLU C 133 -33.02 5.62 24.70
C GLU C 133 -33.93 5.11 23.60
N VAL C 134 -34.38 3.86 23.72
CA VAL C 134 -35.37 3.29 22.82
C VAL C 134 -36.60 4.22 22.72
N GLU C 135 -37.03 4.77 23.85
CA GLU C 135 -38.25 5.59 23.86
C GLU C 135 -38.11 6.87 23.03
N LYS C 136 -36.92 7.46 23.00
CA LYS C 136 -36.69 8.62 22.15
C LYS C 136 -36.97 8.35 20.65
N HIS C 137 -36.88 7.09 20.23
CA HIS C 137 -36.93 6.78 18.81
C HIS C 137 -38.15 6.03 18.37
N MSE C 138 -39.18 5.95 19.21
CA MSE C 138 -40.36 5.18 18.87
C MSE C 138 -40.99 5.67 17.58
O MSE C 138 -41.55 4.87 16.84
CB MSE C 138 -41.35 5.16 20.03
CG MSE C 138 -40.89 4.23 21.16
SE MSE C 138 -40.76 2.35 20.57
CE MSE C 138 -42.67 2.06 20.20
N ASN C 139 -40.90 6.96 17.30
CA ASN C 139 -41.45 7.52 16.06
C ASN C 139 -40.42 7.75 14.96
N ASP C 140 -39.27 7.11 15.05
CA ASP C 140 -38.23 7.35 14.08
C ASP C 140 -38.07 6.12 13.21
N ASN C 141 -37.65 6.35 11.96
CA ASN C 141 -37.26 5.26 11.10
C ASN C 141 -35.90 4.72 11.53
N ILE C 142 -35.60 3.51 11.11
CA ILE C 142 -34.41 2.82 11.53
C ILE C 142 -33.51 2.58 10.32
N ARG C 143 -32.27 3.02 10.39
CA ARG C 143 -31.31 2.70 9.37
C ARG C 143 -30.23 1.82 9.95
N VAL C 144 -30.10 0.61 9.41
CA VAL C 144 -29.01 -0.26 9.78
C VAL C 144 -27.99 -0.24 8.65
N ARG C 145 -26.74 0.02 8.99
CA ARG C 145 -25.65 0.02 8.00
C ARG C 145 -24.70 -1.10 8.33
N PHE C 146 -24.38 -1.93 7.34
CA PHE C 146 -23.38 -2.96 7.53
C PHE C 146 -22.05 -2.39 7.09
N ILE C 147 -21.24 -2.02 8.09
CA ILE C 147 -20.00 -1.30 7.86
C ILE C 147 -18.91 -2.30 7.51
N SER C 148 -19.01 -3.51 8.03
CA SER C 148 -18.15 -4.60 7.61
C SER C 148 -18.98 -5.75 7.09
N PRO C 149 -18.39 -6.61 6.25
CA PRO C 149 -19.19 -7.71 5.73
C PRO C 149 -19.85 -8.46 6.86
N THR C 150 -21.15 -8.71 6.71
CA THR C 150 -21.97 -9.31 7.73
C THR C 150 -22.50 -10.66 7.31
N LEU C 151 -22.36 -11.64 8.21
CA LEU C 151 -22.65 -13.03 7.89
C LEU C 151 -23.79 -13.57 8.73
N LEU C 152 -25.02 -13.45 8.21
CA LEU C 152 -26.23 -13.94 8.89
C LEU C 152 -26.72 -15.24 8.24
N SER C 153 -26.93 -16.28 9.03
CA SER C 153 -27.42 -17.53 8.49
C SER C 153 -28.93 -17.51 8.37
N SER C 154 -29.41 -17.82 7.17
CA SER C 154 -30.85 -17.81 6.89
C SER C 154 -31.63 -18.80 7.74
N LYS C 155 -31.01 -19.93 8.06
CA LYS C 155 -31.66 -20.95 8.85
C LYS C 155 -32.10 -20.48 10.24
N VAL C 156 -31.67 -19.32 10.69
CA VAL C 156 -32.17 -18.78 11.96
C VAL C 156 -33.68 -18.54 11.87
N LEU C 157 -34.20 -18.27 10.68
CA LEU C 157 -35.64 -18.15 10.45
C LEU C 157 -36.30 -19.44 9.96
N LEU C 158 -35.65 -20.59 10.12
CA LEU C 158 -36.29 -21.87 9.86
C LEU C 158 -37.02 -22.27 11.12
N PRO C 159 -38.26 -22.76 10.98
CA PRO C 159 -38.91 -23.25 12.18
C PRO C 159 -38.07 -24.37 12.79
N PRO C 160 -37.66 -24.22 14.07
CA PRO C 160 -36.80 -25.21 14.74
C PRO C 160 -37.26 -26.65 14.59
N SER C 161 -38.57 -26.88 14.58
CA SER C 161 -39.08 -28.25 14.39
C SER C 161 -38.68 -28.90 13.04
N LEU C 162 -38.26 -28.09 12.07
CA LEU C 162 -37.86 -28.60 10.77
C LEU C 162 -36.35 -28.75 10.60
N SER C 163 -35.59 -28.41 11.64
CA SER C 163 -34.12 -28.51 11.60
C SER C 163 -33.62 -29.86 11.15
N GLU C 164 -34.23 -30.93 11.66
CA GLU C 164 -33.81 -32.26 11.26
C GLU C 164 -34.12 -32.47 9.80
N ARG C 165 -35.37 -32.25 9.40
CA ARG C 165 -35.77 -32.43 8.02
C ARG C 165 -34.84 -31.76 7.00
N TYR C 166 -34.36 -30.57 7.31
CA TYR C 166 -33.49 -29.84 6.40
C TYR C 166 -32.02 -29.78 6.86
N LYS C 167 -31.64 -30.78 7.66
CA LYS C 167 -30.28 -31.00 8.16
C LYS C 167 -29.23 -30.89 7.05
N ARG C 168 -29.52 -31.48 5.89
CA ARG C 168 -28.55 -31.58 4.79
C ARG C 168 -28.50 -30.34 3.89
N VAL C 169 -29.44 -29.41 4.06
CA VAL C 169 -29.54 -28.25 3.18
C VAL C 169 -28.56 -27.17 3.60
N ASN C 170 -27.65 -26.81 2.71
CA ASN C 170 -26.72 -25.74 3.02
C ASN C 170 -27.16 -24.41 2.40
N ALA C 171 -27.87 -23.60 3.19
CA ALA C 171 -28.35 -22.30 2.73
C ALA C 171 -27.22 -21.26 2.71
N GLY C 172 -26.17 -21.47 3.51
CA GLY C 172 -25.07 -20.50 3.60
C GLY C 172 -25.51 -19.23 4.31
N TYR C 173 -24.75 -18.16 4.14
CA TYR C 173 -25.12 -16.87 4.69
C TYR C 173 -25.92 -16.04 3.71
N SER C 174 -26.88 -15.32 4.23
CA SER C 174 -27.71 -14.45 3.42
C SER C 174 -26.91 -13.34 2.77
N THR C 175 -27.11 -13.17 1.48
CA THR C 175 -26.56 -12.04 0.76
C THR C 175 -27.58 -10.94 0.57
N LEU C 176 -28.80 -11.16 1.05
CA LEU C 176 -29.86 -10.14 1.05
C LEU C 176 -30.74 -10.36 2.27
N PRO C 177 -30.27 -9.98 3.44
CA PRO C 177 -30.99 -10.36 4.63
C PRO C 177 -32.23 -9.53 4.80
N SER C 178 -33.32 -10.18 5.18
CA SER C 178 -34.56 -9.50 5.44
C SER C 178 -34.51 -8.88 6.84
N VAL C 179 -35.35 -7.87 7.05
CA VAL C 179 -35.47 -7.23 8.35
C VAL C 179 -35.65 -8.27 9.43
N GLY C 180 -36.43 -9.29 9.15
CA GLY C 180 -36.67 -10.33 10.14
C GLY C 180 -35.38 -11.00 10.59
N LEU C 181 -34.55 -11.36 9.61
CA LEU C 181 -33.29 -12.04 9.90
C LEU C 181 -32.38 -11.15 10.75
N ILE C 182 -32.35 -9.86 10.41
CA ILE C 182 -31.49 -8.90 11.08
C ILE C 182 -31.89 -8.87 12.56
N VAL C 183 -33.14 -8.53 12.81
CA VAL C 183 -33.63 -8.36 14.18
C VAL C 183 -33.62 -9.66 14.95
N ALA C 184 -33.76 -10.79 14.27
CA ALA C 184 -33.64 -12.08 14.94
C ALA C 184 -32.24 -12.20 15.48
N TYR C 185 -31.26 -11.90 14.63
CA TYR C 185 -29.87 -11.95 15.05
C TYR C 185 -29.59 -10.98 16.21
N ALA C 186 -30.20 -9.80 16.15
CA ALA C 186 -30.08 -8.84 17.21
C ALA C 186 -30.65 -9.36 18.52
N TYR C 187 -31.81 -10.00 18.45
CA TYR C 187 -32.42 -10.58 19.65
C TYR C 187 -31.46 -11.59 20.29
N ASN C 188 -30.85 -12.43 19.48
CA ASN C 188 -29.88 -13.40 19.98
C ASN C 188 -28.70 -12.78 20.70
N VAL C 189 -28.18 -11.69 20.14
CA VAL C 189 -27.06 -10.99 20.72
C VAL C 189 -27.50 -10.39 22.05
N TYR C 190 -28.63 -9.72 22.03
CA TYR C 190 -29.21 -9.17 23.26
C TYR C 190 -29.35 -10.21 24.37
N CYS C 191 -29.83 -11.41 24.05
CA CYS C 191 -30.00 -12.44 25.07
C CYS C 191 -28.67 -12.79 25.71
N ASN C 192 -27.66 -13.05 24.88
CA ASN C 192 -26.33 -13.33 25.39
C ASN C 192 -25.77 -12.18 26.20
N LEU C 193 -26.06 -10.96 25.78
CA LEU C 193 -25.62 -9.76 26.49
C LEU C 193 -26.20 -9.75 27.89
N ILE C 194 -27.51 -9.88 28.03
CA ILE C 194 -28.14 -9.89 29.35
C ILE C 194 -28.00 -11.26 30.04
N GLY C 195 -27.20 -12.15 29.46
CA GLY C 195 -26.81 -13.39 30.12
C GLY C 195 -27.85 -14.50 30.06
N LYS C 196 -28.96 -14.27 29.36
CA LYS C 196 -29.96 -15.31 29.20
C LYS C 196 -29.57 -16.14 27.98
N LYS C 197 -29.79 -17.45 28.06
CA LYS C 197 -29.56 -18.31 26.89
C LYS C 197 -30.54 -17.91 25.78
N GLU C 198 -30.03 -17.82 24.54
CA GLU C 198 -30.88 -17.57 23.37
C GLU C 198 -31.84 -18.73 23.14
N VAL C 199 -33.08 -18.41 22.75
CA VAL C 199 -34.07 -19.45 22.44
C VAL C 199 -34.35 -19.37 20.95
N GLU C 200 -34.09 -20.46 20.24
CA GLU C 200 -34.26 -20.50 18.80
C GLU C 200 -35.69 -20.14 18.37
N VAL C 201 -36.66 -20.58 19.16
CA VAL C 201 -38.07 -20.40 18.82
C VAL C 201 -38.50 -18.96 18.93
N ARG C 202 -38.04 -18.27 19.96
CA ARG C 202 -38.38 -16.87 20.11
C ARG C 202 -37.75 -16.07 19.00
N ALA C 203 -36.51 -16.38 18.68
CA ALA C 203 -35.82 -15.72 17.60
C ALA C 203 -36.61 -15.93 16.28
N PHE C 204 -36.92 -17.18 15.98
CA PHE C 204 -37.69 -17.53 14.78
C PHE C 204 -38.98 -16.75 14.72
N LYS C 205 -39.79 -16.87 15.77
CA LYS C 205 -41.08 -16.18 15.82
C LYS C 205 -40.91 -14.68 15.64
N PHE C 206 -39.94 -14.11 16.32
CA PHE C 206 -39.73 -12.68 16.24
C PHE C 206 -39.38 -12.23 14.82
N GLY C 207 -38.60 -13.05 14.10
CA GLY C 207 -38.16 -12.68 12.76
C GLY C 207 -39.28 -12.84 11.75
N VAL C 208 -40.00 -13.94 11.87
CA VAL C 208 -41.11 -14.25 10.99
C VAL C 208 -42.14 -13.12 11.05
N ILE C 209 -42.51 -12.74 12.25
CA ILE C 209 -43.50 -11.70 12.41
C ILE C 209 -42.96 -10.37 11.90
N SER C 210 -41.67 -10.11 12.12
CA SER C 210 -41.08 -8.86 11.67
C SER C 210 -41.02 -8.77 10.14
N ASN C 211 -40.73 -9.87 9.47
CA ASN C 211 -40.78 -9.89 8.01
C ASN C 211 -42.19 -9.60 7.51
N ALA C 212 -43.20 -10.00 8.26
CA ALA C 212 -44.57 -9.82 7.83
C ALA C 212 -44.98 -8.37 7.93
N LEU C 213 -44.48 -7.69 8.95
CA LEU C 213 -45.04 -6.37 9.32
C LEU C 213 -44.15 -5.18 9.02
N SER C 214 -42.87 -5.39 8.72
CA SER C 214 -41.98 -4.27 8.48
C SER C 214 -42.17 -3.61 7.14
N ARG C 215 -41.80 -2.35 7.13
CA ARG C 215 -41.93 -1.48 6.01
C ARG C 215 -40.51 -1.10 5.67
N ILE C 216 -40.09 -1.37 4.45
CA ILE C 216 -38.76 -1.04 4.02
C ILE C 216 -38.83 0.26 3.25
N ILE C 217 -38.07 1.24 3.71
CA ILE C 217 -38.14 2.59 3.18
C ILE C 217 -37.13 2.82 2.06
N GLY C 218 -35.95 2.23 2.19
CA GLY C 218 -34.93 2.38 1.16
C GLY C 218 -33.77 1.48 1.48
N TYR C 219 -32.84 1.34 0.55
CA TYR C 219 -31.70 0.43 0.75
C TYR C 219 -30.67 0.52 -0.32
N ASP C 220 -29.48 0.05 0.01
CA ASP C 220 -28.40 -0.12 -0.93
C ASP C 220 -27.60 -1.28 -0.41
N LEU C 221 -27.96 -2.48 -0.83
CA LEU C 221 -27.31 -3.70 -0.33
C LEU C 221 -26.59 -4.39 -1.47
N HIS C 222 -25.53 -5.12 -1.15
CA HIS C 222 -24.83 -5.91 -2.14
C HIS C 222 -24.05 -7.05 -1.55
N PRO C 223 -23.89 -8.15 -2.32
CA PRO C 223 -23.10 -9.28 -1.84
C PRO C 223 -21.64 -8.98 -1.80
N VAL C 224 -20.94 -9.66 -0.92
CA VAL C 224 -19.52 -9.60 -0.93
C VAL C 224 -19.03 -10.98 -0.57
N THR C 225 -17.96 -11.39 -1.24
CA THR C 225 -17.29 -12.63 -0.93
C THR C 225 -15.93 -12.24 -0.41
N ILE C 226 -15.57 -12.74 0.75
CA ILE C 226 -14.36 -12.29 1.41
C ILE C 226 -13.61 -13.47 1.96
N VAL C 227 -12.35 -13.26 2.28
CA VAL C 227 -11.57 -14.26 2.95
C VAL C 227 -11.71 -13.97 4.43
N ILE C 228 -12.26 -14.93 5.17
CA ILE C 228 -12.46 -14.83 6.60
C ILE C 228 -11.21 -15.02 7.45
N GLY C 229 -10.27 -15.81 6.95
CA GLY C 229 -9.07 -16.15 7.70
C GLY C 229 -8.59 -17.53 7.29
N GLU C 230 -7.75 -18.15 8.11
CA GLU C 230 -7.30 -19.51 7.84
C GLU C 230 -8.25 -20.55 8.46
N ASP C 231 -8.00 -21.81 8.12
CA ASP C 231 -8.75 -22.99 8.51
C ASP C 231 -7.97 -23.67 9.65
N SER C 232 -8.57 -24.68 10.28
CA SER C 232 -7.87 -25.53 11.25
C SER C 232 -6.51 -25.96 10.67
N LYS C 233 -6.46 -26.23 9.36
CA LYS C 233 -5.25 -26.71 8.67
C LYS C 233 -4.34 -25.59 8.15
N GLY C 234 -4.84 -24.36 8.11
CA GLY C 234 -4.12 -23.23 7.50
C GLY C 234 -4.62 -22.86 6.11
N ASN C 235 -5.60 -23.59 5.60
CA ASN C 235 -6.24 -23.26 4.33
C ASN C 235 -7.06 -21.99 4.46
N LEU C 236 -7.06 -21.15 3.43
CA LEU C 236 -7.89 -19.93 3.46
C LEU C 236 -9.36 -20.30 3.38
N ARG C 237 -10.18 -19.62 4.17
CA ARG C 237 -11.62 -19.80 4.12
C ARG C 237 -12.32 -18.59 3.56
N LYS C 238 -13.25 -18.82 2.64
CA LYS C 238 -14.06 -17.76 2.04
C LYS C 238 -15.45 -17.79 2.64
N ALA C 239 -16.14 -16.67 2.56
CA ALA C 239 -17.51 -16.61 2.93
C ALA C 239 -18.14 -15.53 2.10
N ARG C 240 -19.46 -15.62 1.96
CA ARG C 240 -20.22 -14.68 1.17
C ARG C 240 -21.29 -14.09 2.05
N GLY C 241 -21.28 -12.77 2.21
CA GLY C 241 -22.25 -12.09 3.06
C GLY C 241 -22.76 -10.84 2.40
N VAL C 242 -23.10 -9.85 3.22
CA VAL C 242 -23.69 -8.63 2.72
C VAL C 242 -22.98 -7.41 3.30
N MSE C 243 -23.04 -6.30 2.57
CA MSE C 243 -22.68 -4.99 3.08
C MSE C 243 -23.66 -4.02 2.50
O MSE C 243 -24.34 -4.36 1.53
CB MSE C 243 -21.30 -4.60 2.59
CG MSE C 243 -20.24 -5.00 3.60
SE MSE C 243 -18.52 -4.30 3.01
CE MSE C 243 -18.78 -2.46 3.72
N GLY C 244 -23.71 -2.81 3.04
CA GLY C 244 -24.60 -1.76 2.55
C GLY C 244 -25.48 -1.26 3.70
N TRP C 245 -26.63 -0.69 3.38
CA TRP C 245 -27.57 -0.31 4.40
C TRP C 245 -28.98 -0.53 4.00
N ILE C 246 -29.84 -0.55 5.01
CA ILE C 246 -31.24 -0.75 4.83
C ILE C 246 -31.95 0.15 5.84
N GLU C 247 -33.02 0.79 5.39
CA GLU C 247 -33.80 1.68 6.22
C GLU C 247 -35.23 1.16 6.27
N PHE C 248 -35.78 1.10 7.47
CA PHE C 248 -37.10 0.54 7.63
C PHE C 248 -37.83 1.01 8.89
N ASP C 249 -39.07 0.57 9.02
CA ASP C 249 -39.86 0.83 10.20
C ASP C 249 -40.72 -0.38 10.54
N ILE C 250 -41.08 -0.48 11.81
CA ILE C 250 -41.96 -1.54 12.26
C ILE C 250 -43.18 -0.84 12.85
N PRO C 251 -44.32 -0.87 12.13
CA PRO C 251 -45.50 -0.13 12.56
C PRO C 251 -46.37 -0.88 13.57
N ASP C 252 -45.75 -1.55 14.54
CA ASP C 252 -46.43 -2.07 15.72
C ASP C 252 -45.63 -1.67 16.95
N GLU C 253 -46.21 -0.83 17.77
CA GLU C 253 -45.53 -0.27 18.95
C GLU C 253 -44.74 -1.31 19.75
N LYS C 254 -45.39 -2.38 20.19
CA LYS C 254 -44.74 -3.38 21.04
C LYS C 254 -43.57 -4.08 20.34
N LEU C 255 -43.73 -4.34 19.06
CA LEU C 255 -42.70 -5.02 18.31
C LEU C 255 -41.52 -4.10 18.02
N LYS C 256 -41.82 -2.82 17.79
CA LYS C 256 -40.77 -1.83 17.52
C LYS C 256 -39.93 -1.61 18.76
N ARG C 257 -40.59 -1.58 19.90
CA ARG C 257 -39.90 -1.35 21.15
C ARG C 257 -38.91 -2.49 21.40
N ARG C 258 -39.31 -3.71 21.10
CA ARG C 258 -38.39 -4.82 21.28
C ARG C 258 -37.24 -4.69 20.30
N ALA C 259 -37.56 -4.45 19.04
CA ALA C 259 -36.54 -4.40 18.01
C ALA C 259 -35.49 -3.33 18.29
N LEU C 260 -35.94 -2.14 18.71
CA LEU C 260 -35.00 -1.05 18.97
C LEU C 260 -33.99 -1.46 20.04
N ARG C 261 -34.49 -2.06 21.12
CA ARG C 261 -33.64 -2.54 22.21
C ARG C 261 -32.58 -3.52 21.71
N TYR C 262 -33.00 -4.49 20.91
CA TYR C 262 -32.10 -5.52 20.44
C TYR C 262 -31.10 -4.94 19.48
N LEU C 263 -31.58 -4.12 18.55
CA LEU C 263 -30.69 -3.47 17.61
C LEU C 263 -29.66 -2.58 18.32
N LEU C 264 -30.11 -1.80 19.29
CA LEU C 264 -29.21 -0.93 20.04
C LEU C 264 -28.05 -1.73 20.64
N ALA C 265 -28.35 -2.91 21.19
CA ALA C 265 -27.31 -3.76 21.74
C ALA C 265 -26.38 -4.27 20.64
N SER C 266 -26.91 -4.72 19.53
CA SER C 266 -26.06 -5.12 18.37
C SER C 266 -25.15 -4.02 17.88
N SER C 267 -25.58 -2.77 18.02
CA SER C 267 -24.79 -1.66 17.55
C SER C 267 -23.50 -1.52 18.35
N TYR C 268 -23.38 -2.24 19.46
CA TYR C 268 -22.14 -2.29 20.23
C TYR C 268 -21.36 -3.54 19.95
N LEU C 269 -22.06 -4.66 19.82
CA LEU C 269 -21.38 -5.94 19.83
C LEU C 269 -21.29 -6.57 18.45
N GLY C 270 -21.85 -5.89 17.46
CA GLY C 270 -21.90 -6.42 16.11
C GLY C 270 -22.90 -7.57 16.00
N ILE C 271 -23.01 -8.11 14.80
CA ILE C 271 -24.09 -9.03 14.45
C ILE C 271 -23.60 -10.19 13.58
N GLY C 272 -24.16 -11.37 13.77
CA GLY C 272 -23.88 -12.48 12.89
C GLY C 272 -22.60 -13.18 13.28
N ARG C 273 -22.09 -14.01 12.39
CA ARG C 273 -20.91 -14.79 12.66
C ARG C 273 -19.59 -13.98 12.58
N SER C 274 -18.64 -14.36 13.43
CA SER C 274 -17.27 -13.87 13.43
C SER C 274 -17.12 -12.41 13.84
N ARG C 275 -17.93 -12.00 14.81
CA ARG C 275 -17.86 -10.65 15.33
C ARG C 275 -16.56 -10.41 16.06
N GLY C 276 -16.07 -11.42 16.76
CA GLY C 276 -14.82 -11.28 17.50
C GLY C 276 -13.64 -11.05 16.60
N ILE C 277 -13.86 -11.22 15.31
CA ILE C 277 -12.81 -11.01 14.31
C ILE C 277 -13.15 -9.81 13.44
N GLY C 278 -14.28 -9.15 13.74
CA GLY C 278 -14.59 -7.86 13.12
C GLY C 278 -15.68 -7.84 12.08
N PHE C 279 -16.28 -9.00 11.82
CA PHE C 279 -17.36 -9.07 10.84
C PHE C 279 -18.67 -8.74 11.52
N GLY C 280 -19.62 -8.22 10.76
CA GLY C 280 -20.94 -7.94 11.31
C GLY C 280 -20.97 -6.65 12.08
N GLU C 281 -20.11 -5.73 11.68
CA GLU C 281 -20.07 -4.43 12.29
C GLU C 281 -21.23 -3.63 11.74
N ILE C 282 -22.09 -3.14 12.63
CA ILE C 282 -23.19 -2.30 12.19
C ILE C 282 -23.14 -0.92 12.85
N LYS C 283 -23.68 0.05 12.14
CA LYS C 283 -23.92 1.37 12.65
C LYS C 283 -25.43 1.60 12.53
N LEU C 284 -26.03 2.10 13.60
CA LEU C 284 -27.46 2.24 13.71
C LEU C 284 -27.78 3.74 13.68
N GLU C 285 -28.71 4.15 12.84
CA GLU C 285 -29.09 5.56 12.73
C GLU C 285 -30.61 5.67 12.75
N PHE C 286 -31.13 6.70 13.41
CA PHE C 286 -32.55 6.91 13.52
C PHE C 286 -32.94 8.13 12.73
N ILE C 287 -33.86 7.99 11.78
CA ILE C 287 -34.21 9.09 10.89
C ILE C 287 -35.51 9.70 11.37
N LYS C 288 -35.48 11.00 11.63
CA LYS C 288 -36.66 11.74 12.10
C LYS C 288 -37.59 12.03 10.92
N ARG C 289 -38.85 12.37 11.23
CA ARG C 289 -39.83 12.82 10.23
C ARG C 289 -40.52 14.14 10.65
N PRO D 8 21.85 46.26 15.54
CA PRO D 8 21.95 44.95 14.91
C PRO D 8 22.40 43.91 15.97
N LEU D 9 21.45 43.15 16.48
CA LEU D 9 21.68 42.20 17.59
C LEU D 9 21.49 40.75 17.17
N ILE D 10 22.02 39.81 17.96
CA ILE D 10 21.64 38.43 17.82
C ILE D 10 20.86 37.99 19.03
N PHE D 11 19.70 37.40 18.77
CA PHE D 11 18.95 36.69 19.80
C PHE D 11 19.15 35.17 19.71
N LYS D 12 19.39 34.52 20.85
CA LYS D 12 19.49 33.05 20.95
C LYS D 12 18.55 32.64 22.09
N ILE D 13 17.37 32.14 21.73
CA ILE D 13 16.35 31.76 22.69
C ILE D 13 16.35 30.25 22.86
N GLY D 14 16.29 29.80 24.11
CA GLY D 14 16.10 28.40 24.44
C GLY D 14 14.67 28.15 24.85
N TYR D 15 13.98 27.28 24.12
CA TYR D 15 12.60 26.93 24.42
C TYR D 15 12.49 25.56 25.09
N ASN D 16 11.53 25.44 26.00
CA ASN D 16 11.03 24.16 26.43
C ASN D 16 9.80 23.89 25.61
N VAL D 17 9.69 22.65 25.11
CA VAL D 17 8.58 22.27 24.25
C VAL D 17 8.01 20.96 24.73
N ILE D 18 6.81 21.02 25.30
CA ILE D 18 6.16 19.84 25.90
C ILE D 18 4.93 19.52 25.08
N PRO D 19 4.93 18.37 24.39
CA PRO D 19 3.70 17.92 23.72
C PRO D 19 2.62 17.53 24.71
N LEU D 20 1.41 18.01 24.46
CA LEU D 20 0.27 17.76 25.33
C LEU D 20 -0.47 16.47 24.96
N GLN D 21 -0.06 15.86 23.85
CA GLN D 21 -0.50 14.51 23.47
C GLN D 21 0.72 13.71 23.01
N ASP D 22 0.62 12.38 22.97
CA ASP D 22 1.71 11.58 22.34
C ASP D 22 1.84 12.06 20.92
N VAL D 23 3.06 12.20 20.46
CA VAL D 23 3.27 12.78 19.15
C VAL D 23 4.30 11.98 18.32
N ILE D 24 4.12 12.02 17.01
CA ILE D 24 5.08 11.45 16.09
C ILE D 24 5.62 12.67 15.39
N LEU D 25 6.89 12.97 15.64
CA LEU D 25 7.43 14.24 15.21
C LEU D 25 7.61 14.24 13.73
N PRO D 26 7.49 15.42 13.09
CA PRO D 26 7.76 15.46 11.67
C PRO D 26 9.25 15.30 11.40
N THR D 27 9.61 15.19 10.12
CA THR D 27 10.99 15.10 9.71
C THR D 27 11.29 16.24 8.76
N PRO D 28 12.23 17.10 9.13
CA PRO D 28 12.95 17.18 10.41
C PRO D 28 12.05 17.70 11.51
N SER D 29 12.40 17.39 12.75
CA SER D 29 11.59 17.79 13.92
C SER D 29 11.52 19.31 14.16
N SER D 30 12.42 20.06 13.54
CA SER D 30 12.31 21.51 13.54
C SER D 30 11.02 22.05 12.86
N LYS D 31 10.34 21.22 12.07
CA LYS D 31 9.13 21.68 11.36
C LYS D 31 8.06 22.20 12.31
N VAL D 32 7.97 21.63 13.50
CA VAL D 32 7.00 22.07 14.49
C VAL D 32 7.12 23.58 14.78
N LEU D 33 8.28 23.98 15.30
CA LEU D 33 8.52 25.40 15.54
C LEU D 33 8.60 26.23 14.26
N LYS D 34 9.05 25.66 13.16
CA LYS D 34 9.07 26.38 11.89
C LYS D 34 7.64 26.77 11.51
N TYR D 35 6.70 25.83 11.61
CA TYR D 35 5.31 26.12 11.28
C TYR D 35 4.81 27.32 12.07
N LEU D 36 5.07 27.29 13.38
CA LEU D 36 4.63 28.35 14.28
C LEU D 36 5.19 29.70 13.86
N ILE D 37 6.48 29.75 13.56
CA ILE D 37 7.13 31.01 13.18
C ILE D 37 6.64 31.55 11.85
N GLN D 38 6.47 30.65 10.88
CA GLN D 38 5.99 30.99 9.55
C GLN D 38 4.60 31.61 9.61
N SER D 39 3.68 30.94 10.31
CA SER D 39 2.31 31.40 10.41
C SER D 39 2.18 32.63 11.32
N GLY D 40 3.31 33.11 11.85
CA GLY D 40 3.37 34.33 12.64
C GLY D 40 2.94 34.15 14.08
N LYS D 41 2.65 32.90 14.46
CA LYS D 41 2.17 32.56 15.80
C LYS D 41 3.24 32.64 16.90
N LEU D 42 4.53 32.45 16.56
CA LEU D 42 5.53 32.41 17.63
C LEU D 42 6.49 33.58 17.68
N LEU D 43 6.95 34.03 16.53
CA LEU D 43 7.76 35.22 16.53
C LEU D 43 7.28 35.95 15.34
N PRO D 44 6.41 36.93 15.63
CA PRO D 44 5.56 37.61 14.66
C PRO D 44 6.42 38.34 13.66
N SER D 45 7.47 38.99 14.19
CA SER D 45 8.31 39.93 13.45
C SER D 45 9.40 39.30 12.55
N LEU D 46 9.44 37.98 12.47
CA LEU D 46 10.41 37.32 11.60
C LEU D 46 9.76 36.91 10.28
N ASN D 47 10.10 37.65 9.22
CA ASN D 47 9.46 37.51 7.92
C ASN D 47 10.41 36.85 6.89
N ASN D 48 9.92 35.78 6.24
CA ASN D 48 10.72 34.97 5.30
C ASN D 48 9.90 34.58 4.08
N LYS D 57 21.11 33.49 5.15
CA LYS D 57 19.76 33.74 5.68
C LYS D 57 19.81 33.64 7.19
N PRO D 58 19.65 34.77 7.89
CA PRO D 58 20.14 34.88 9.26
C PRO D 58 19.19 34.30 10.33
N ILE D 59 18.64 33.11 10.05
CA ILE D 59 17.76 32.40 10.99
C ILE D 59 18.15 30.92 11.17
N PHE D 60 18.08 30.46 12.42
CA PHE D 60 18.34 29.06 12.76
C PHE D 60 17.27 28.53 13.71
N ILE D 61 16.62 27.46 13.30
CA ILE D 61 15.62 26.79 14.13
C ILE D 61 16.08 25.35 14.33
N SER D 62 16.41 25.01 15.55
CA SER D 62 16.99 23.71 15.83
C SER D 62 15.99 22.58 15.66
N HIS D 63 16.51 21.37 15.47
CA HIS D 63 15.74 20.16 15.72
C HIS D 63 15.38 20.17 17.17
N LEU D 64 14.28 19.49 17.49
CA LEU D 64 13.91 19.25 18.86
C LEU D 64 14.91 18.29 19.47
N GLY D 65 15.28 18.55 20.72
CA GLY D 65 16.21 17.68 21.44
C GLY D 65 15.59 17.10 22.68
N LEU D 66 16.14 15.96 23.10
CA LEU D 66 15.68 15.26 24.28
C LEU D 66 16.89 14.70 24.95
N ASN D 67 17.02 14.99 26.24
CA ASN D 67 18.23 14.70 27.00
C ASN D 67 19.48 15.18 26.27
N GLN D 68 19.40 16.37 25.71
CA GLN D 68 20.54 17.04 25.07
C GLN D 68 21.08 16.25 23.85
N ARG D 69 20.18 15.63 23.11
CA ARG D 69 20.50 14.97 21.85
C ARG D 69 19.41 15.37 20.90
N ARG D 70 19.78 15.74 19.70
CA ARG D 70 18.80 16.10 18.70
C ARG D 70 18.04 14.88 18.14
N ILE D 71 16.76 15.09 17.82
CA ILE D 71 15.95 14.07 17.20
C ILE D 71 15.93 14.34 15.70
N PHE D 72 16.55 13.43 14.98
CA PHE D 72 16.41 13.39 13.54
C PHE D 72 16.27 11.92 13.10
N GLN D 73 15.52 11.71 12.02
CA GLN D 73 15.23 10.36 11.53
C GLN D 73 16.34 9.94 10.58
N THR D 74 17.01 8.83 10.87
CA THR D 74 18.10 8.32 10.02
C THR D 74 17.58 7.15 9.22
N ASN D 75 16.85 6.31 9.95
CA ASN D 75 15.61 5.62 9.52
C ASN D 75 15.42 4.22 10.09
N GLY D 76 14.72 4.14 11.20
CA GLY D 76 14.21 2.86 11.70
C GLY D 76 12.71 3.06 11.67
N ASN D 77 12.05 2.73 12.76
CA ASN D 77 10.69 3.20 12.97
C ASN D 77 10.58 4.75 13.01
N LEU D 78 9.35 5.25 13.05
CA LEU D 78 9.12 6.67 13.28
C LEU D 78 9.28 6.91 14.77
N LYS D 79 9.68 8.14 15.12
CA LYS D 79 10.07 8.51 16.48
C LYS D 79 8.88 8.99 17.30
N THR D 80 8.56 8.23 18.34
CA THR D 80 7.46 8.58 19.23
C THR D 80 7.87 9.37 20.44
N ILE D 81 7.22 10.49 20.67
CA ILE D 81 7.44 11.23 21.91
C ILE D 81 6.16 11.29 22.74
N SER D 82 6.25 10.88 24.00
CA SER D 82 5.07 10.79 24.88
C SER D 82 4.58 12.14 25.36
N ARG D 83 3.26 12.26 25.58
CA ARG D 83 2.65 13.38 26.30
C ARG D 83 3.49 13.71 27.55
N GLY D 84 3.85 14.99 27.69
CA GLY D 84 4.51 15.45 28.89
C GLY D 84 6.02 15.50 28.88
N SER D 85 6.66 14.88 27.89
CA SER D 85 8.13 14.82 27.89
C SER D 85 8.73 16.16 27.43
N LYS D 86 9.93 16.42 27.95
CA LYS D 86 10.56 17.74 27.88
C LYS D 86 11.48 17.79 26.70
N LEU D 87 10.99 18.32 25.59
CA LEU D 87 11.83 18.56 24.44
C LEU D 87 12.41 19.96 24.58
N SER D 88 13.57 20.19 23.99
CA SER D 88 14.11 21.54 23.97
C SER D 88 14.43 21.95 22.55
N SER D 89 14.46 23.26 22.34
CA SER D 89 14.74 23.82 21.03
C SER D 89 15.50 25.12 21.19
N THR D 90 16.21 25.49 20.16
CA THR D 90 16.90 26.77 20.16
C THR D 90 16.57 27.47 18.86
N ILE D 91 16.26 28.76 18.97
CA ILE D 91 16.06 29.58 17.80
C ILE D 91 17.01 30.73 17.89
N ALA D 92 17.70 31.05 16.79
CA ALA D 92 18.63 32.15 16.78
C ALA D 92 18.44 32.95 15.51
N PHE D 93 18.61 34.27 15.63
CA PHE D 93 18.40 35.17 14.50
C PHE D 93 19.00 36.54 14.77
N SER D 94 19.13 37.34 13.71
CA SER D 94 19.64 38.71 13.81
C SER D 94 18.58 39.80 13.61
N THR D 95 18.78 40.94 14.26
CA THR D 95 18.14 42.26 13.94
C THR D 95 18.77 43.29 14.83
N PRO D 101 11.60 40.85 21.54
CA PRO D 101 11.20 41.18 22.91
C PRO D 101 9.67 41.45 22.95
N GLU D 102 8.98 40.64 22.16
CA GLU D 102 7.53 40.47 22.19
C GLU D 102 7.26 38.97 21.95
N LEU D 103 7.85 38.21 22.85
CA LEU D 103 7.97 36.78 22.72
C LEU D 103 7.28 36.16 23.92
N ASP D 104 6.21 35.42 23.68
CA ASP D 104 5.37 34.94 24.76
C ASP D 104 5.40 33.41 24.88
N GLU D 105 4.62 32.90 25.82
CA GLU D 105 4.65 31.50 26.19
C GLU D 105 3.25 30.98 26.23
N GLY D 106 3.13 29.65 26.37
CA GLY D 106 1.83 29.01 26.55
C GLY D 106 1.58 27.87 25.61
N VAL D 107 0.31 27.54 25.39
CA VAL D 107 -0.05 26.42 24.51
C VAL D 107 -0.20 26.87 23.06
N PHE D 108 0.44 26.14 22.15
CA PHE D 108 0.35 26.42 20.72
C PHE D 108 -0.22 25.23 19.98
N GLU D 109 -1.12 25.51 19.03
CA GLU D 109 -1.71 24.47 18.20
C GLU D 109 -0.89 24.28 16.94
N THR D 110 -0.75 23.04 16.52
CA THR D 110 0.02 22.70 15.34
C THR D 110 -0.65 21.56 14.59
N ILE D 111 -0.37 21.46 13.30
CA ILE D 111 -0.85 20.30 12.52
C ILE D 111 -0.27 18.99 13.10
N TYR D 112 0.87 19.09 13.79
CA TYR D 112 1.50 17.95 14.47
C TYR D 112 0.99 17.73 15.88
N GLY D 113 0.15 18.65 16.34
CA GLY D 113 -0.46 18.52 17.65
C GLY D 113 -0.31 19.79 18.48
N LYS D 114 -0.73 19.70 19.75
CA LYS D 114 -0.65 20.83 20.65
C LYS D 114 0.62 20.71 21.51
N PHE D 115 1.27 21.85 21.71
CA PHE D 115 2.53 21.93 22.44
C PHE D 115 2.54 23.07 23.45
N HIS D 116 3.08 22.82 24.62
CA HIS D 116 3.30 23.86 25.62
C HIS D 116 4.70 24.35 25.47
N ILE D 117 4.84 25.61 25.11
CA ILE D 117 6.15 26.17 24.88
C ILE D 117 6.44 27.25 25.94
N THR D 118 7.52 27.08 26.69
CA THR D 118 8.01 28.14 27.59
C THR D 118 9.45 28.51 27.21
N ILE D 119 9.95 29.63 27.72
CA ILE D 119 11.29 30.13 27.42
C ILE D 119 12.23 29.80 28.55
N GLU D 120 13.26 29.02 28.25
CA GLU D 120 14.23 28.66 29.29
C GLU D 120 15.38 29.69 29.33
N SER D 121 15.71 30.34 28.23
CA SER D 121 16.78 31.34 28.25
C SER D 121 16.71 32.30 27.09
N VAL D 122 17.33 33.47 27.29
CA VAL D 122 17.50 34.46 26.23
C VAL D 122 18.90 35.07 26.32
N GLU D 123 19.71 34.90 25.28
CA GLU D 123 21.02 35.55 25.11
C GLU D 123 20.79 36.65 24.10
N ILE D 124 21.12 37.87 24.45
CA ILE D 124 21.18 38.96 23.48
C ILE D 124 22.62 39.44 23.38
N VAL D 125 23.19 39.31 22.20
CA VAL D 125 24.58 39.71 21.98
C VAL D 125 24.66 40.76 20.85
N GLU D 126 25.44 41.81 21.07
CA GLU D 126 25.71 42.81 20.03
C GLU D 126 26.70 42.23 19.04
N VAL D 127 26.38 42.34 17.76
CA VAL D 127 27.27 41.88 16.68
C VAL D 127 28.71 42.41 16.82
N GLU D 128 28.88 43.62 17.35
CA GLU D 128 30.21 44.18 17.56
C GLU D 128 30.95 43.50 18.71
N LYS D 129 30.23 43.09 19.74
CA LYS D 129 30.85 42.38 20.87
C LYS D 129 31.44 41.02 20.45
N LEU D 130 30.96 40.45 19.34
CA LEU D 130 31.57 39.25 18.77
C LEU D 130 33.02 39.49 18.37
N LYS D 131 33.27 40.58 17.66
CA LYS D 131 34.64 40.89 17.25
C LYS D 131 35.58 40.99 18.45
N GLU D 132 35.05 41.40 19.60
CA GLU D 132 35.89 41.60 20.78
C GLU D 132 36.29 40.30 21.43
N GLU D 133 35.38 39.34 21.42
CA GLU D 133 35.69 38.00 21.96
C GLU D 133 36.69 37.22 21.11
N VAL D 134 36.73 37.49 19.81
CA VAL D 134 37.75 36.94 18.92
C VAL D 134 39.16 37.15 19.49
N GLU D 135 39.42 38.33 20.03
CA GLU D 135 40.75 38.65 20.53
C GLU D 135 41.17 37.79 21.73
N LYS D 136 40.23 37.40 22.57
CA LYS D 136 40.55 36.50 23.68
C LYS D 136 41.13 35.16 23.19
N HIS D 137 40.82 34.77 21.96
CA HIS D 137 41.17 33.42 21.52
C HIS D 137 42.21 33.36 20.45
N MSE D 138 42.92 34.46 20.22
CA MSE D 138 43.93 34.47 19.17
C MSE D 138 45.00 33.39 19.38
O MSE D 138 45.51 32.84 18.39
CB MSE D 138 44.55 35.87 19.04
CG MSE D 138 43.58 36.84 18.35
SE MSE D 138 43.15 36.25 16.50
CE MSE D 138 44.85 36.81 15.71
N ASN D 139 45.32 33.06 20.63
CA ASN D 139 46.31 32.00 20.93
C ASN D 139 45.72 30.65 21.27
N ASP D 140 44.45 30.43 20.94
CA ASP D 140 43.78 29.20 21.35
C ASP D 140 43.53 28.36 20.14
N ASN D 141 43.51 27.05 20.34
CA ASN D 141 43.11 26.14 19.29
C ASN D 141 41.59 26.21 19.15
N ILE D 142 41.10 25.76 18.01
CA ILE D 142 39.69 25.84 17.70
C ILE D 142 39.10 24.45 17.59
N ARG D 143 38.06 24.18 18.34
CA ARG D 143 37.35 22.93 18.20
C ARG D 143 35.97 23.27 17.68
N VAL D 144 35.67 22.76 16.49
CA VAL D 144 34.31 22.84 15.99
C VAL D 144 33.62 21.49 16.19
N ARG D 145 32.45 21.48 16.83
CA ARG D 145 31.66 20.26 17.00
C ARG D 145 30.37 20.35 16.22
N PHE D 146 30.08 19.35 15.41
CA PHE D 146 28.84 19.35 14.71
C PHE D 146 27.84 18.58 15.54
N ILE D 147 26.89 19.29 16.14
CA ILE D 147 25.91 18.74 17.06
C ILE D 147 24.67 18.23 16.35
N SER D 148 24.39 18.78 15.18
CA SER D 148 23.42 18.19 14.26
C SER D 148 24.11 17.90 12.92
N PRO D 149 23.54 17.00 12.12
CA PRO D 149 24.17 16.70 10.85
C PRO D 149 24.38 17.95 10.05
N THR D 150 25.58 18.11 9.52
CA THR D 150 25.97 19.35 8.85
C THR D 150 26.19 19.07 7.37
N LEU D 151 25.62 19.91 6.52
CA LEU D 151 25.58 19.67 5.07
C LEU D 151 26.37 20.74 4.34
N LEU D 152 27.66 20.48 4.13
CA LEU D 152 28.51 21.42 3.42
C LEU D 152 28.74 20.93 1.99
N SER D 153 28.45 21.77 1.00
CA SER D 153 28.69 21.40 -0.38
C SER D 153 30.15 21.71 -0.77
N SER D 154 30.80 20.70 -1.31
CA SER D 154 32.20 20.83 -1.69
C SER D 154 32.43 21.90 -2.77
N LYS D 155 31.44 22.09 -3.63
CA LYS D 155 31.54 23.08 -4.71
C LYS D 155 31.74 24.52 -4.23
N VAL D 156 31.55 24.80 -2.95
CA VAL D 156 31.84 26.13 -2.44
C VAL D 156 33.32 26.46 -2.65
N LEU D 157 34.19 25.44 -2.69
CA LEU D 157 35.61 25.64 -2.98
C LEU D 157 35.95 25.44 -4.45
N LEU D 158 34.96 25.45 -5.34
CA LEU D 158 35.23 25.42 -6.78
C LEU D 158 35.49 26.85 -7.21
N PRO D 159 36.55 27.09 -8.01
CA PRO D 159 36.71 28.43 -8.55
C PRO D 159 35.46 28.84 -9.31
N PRO D 160 34.82 29.97 -8.90
CA PRO D 160 33.57 30.40 -9.53
C PRO D 160 33.60 30.41 -11.04
N SER D 161 34.73 30.74 -11.64
CA SER D 161 34.85 30.76 -13.11
C SER D 161 34.61 29.39 -13.77
N LEU D 162 34.67 28.32 -12.99
CA LEU D 162 34.44 26.97 -13.50
C LEU D 162 33.03 26.41 -13.20
N SER D 163 32.19 27.21 -12.54
CA SER D 163 30.82 26.79 -12.20
C SER D 163 30.05 26.27 -13.39
N GLU D 164 30.13 26.97 -14.51
CA GLU D 164 29.42 26.54 -15.68
C GLU D 164 29.98 25.21 -16.15
N ARG D 165 31.27 25.15 -16.38
CA ARG D 165 31.92 23.93 -16.83
C ARG D 165 31.49 22.68 -16.04
N TYR D 166 31.35 22.80 -14.74
CA TYR D 166 31.00 21.65 -13.90
C TYR D 166 29.57 21.72 -13.37
N LYS D 167 28.72 22.44 -14.11
CA LYS D 167 27.29 22.59 -13.85
C LYS D 167 26.60 21.25 -13.60
N ARG D 168 26.96 20.24 -14.40
CA ARG D 168 26.28 18.94 -14.37
C ARG D 168 26.79 18.03 -13.27
N VAL D 169 27.91 18.36 -12.65
CA VAL D 169 28.54 17.48 -11.68
C VAL D 169 27.87 17.60 -10.32
N ASN D 170 27.29 16.52 -9.83
CA ASN D 170 26.70 16.52 -8.50
C ASN D 170 27.69 15.93 -7.49
N ALA D 171 28.44 16.79 -6.80
CA ALA D 171 29.40 16.33 -5.78
C ALA D 171 28.70 15.88 -4.49
N GLY D 172 27.49 16.40 -4.24
CA GLY D 172 26.79 16.17 -2.97
C GLY D 172 27.46 16.88 -1.82
N TYR D 173 27.07 16.54 -0.59
CA TYR D 173 27.63 17.16 0.61
C TYR D 173 28.83 16.39 1.13
N SER D 174 29.81 17.13 1.59
CA SER D 174 31.02 16.56 2.15
C SER D 174 30.74 15.75 3.42
N THR D 175 31.22 14.51 3.44
CA THR D 175 31.14 13.68 4.63
C THR D 175 32.43 13.74 5.41
N LEU D 176 33.41 14.49 4.91
CA LEU D 176 34.67 14.73 5.60
C LEU D 176 35.17 16.12 5.25
N PRO D 177 34.56 17.15 5.84
CA PRO D 177 34.87 18.48 5.37
C PRO D 177 36.22 18.94 5.86
N SER D 178 36.95 19.62 4.99
CA SER D 178 38.20 20.20 5.37
C SER D 178 37.97 21.51 6.10
N VAL D 179 38.98 21.94 6.84
CA VAL D 179 38.94 23.24 7.51
C VAL D 179 38.53 24.36 6.55
N GLY D 180 39.05 24.30 5.34
CA GLY D 180 38.72 25.32 4.34
C GLY D 180 37.24 25.40 4.06
N LEU D 181 36.63 24.24 3.86
CA LEU D 181 35.21 24.18 3.55
C LEU D 181 34.40 24.74 4.72
N ILE D 182 34.81 24.40 5.94
CA ILE D 182 34.07 24.81 7.13
C ILE D 182 34.05 26.33 7.19
N VAL D 183 35.25 26.92 7.23
CA VAL D 183 35.38 28.35 7.40
C VAL D 183 34.83 29.13 6.20
N ALA D 184 34.85 28.56 5.01
CA ALA D 184 34.19 29.20 3.86
C ALA D 184 32.72 29.33 4.15
N TYR D 185 32.12 28.25 4.62
CA TYR D 185 30.72 28.28 4.98
C TYR D 185 30.44 29.30 6.09
N ALA D 186 31.35 29.39 7.06
CA ALA D 186 31.21 30.31 8.17
C ALA D 186 31.22 31.73 7.65
N TYR D 187 32.12 32.02 6.73
CA TYR D 187 32.19 33.33 6.14
C TYR D 187 30.85 33.72 5.50
N ASN D 188 30.26 32.80 4.76
CA ASN D 188 28.99 33.07 4.11
C ASN D 188 27.89 33.38 5.10
N VAL D 189 27.87 32.65 6.19
CA VAL D 189 26.89 32.87 7.24
C VAL D 189 27.09 34.24 7.87
N TYR D 190 28.33 34.55 8.21
CA TYR D 190 28.67 35.86 8.72
C TYR D 190 28.19 37.00 7.83
N CYS D 191 28.38 36.88 6.52
CA CYS D 191 27.96 37.96 5.64
C CYS D 191 26.47 38.16 5.76
N ASN D 192 25.72 37.08 5.68
CA ASN D 192 24.26 37.15 5.79
C ASN D 192 23.82 37.72 7.12
N LEU D 193 24.56 37.37 8.16
CA LEU D 193 24.28 37.88 9.51
C LEU D 193 24.38 39.37 9.55
N ILE D 194 25.50 39.92 9.10
CA ILE D 194 25.67 41.37 9.12
C ILE D 194 24.95 42.03 7.96
N GLY D 195 24.15 41.25 7.24
CA GLY D 195 23.26 41.80 6.22
C GLY D 195 23.90 42.09 4.89
N LYS D 196 25.18 41.77 4.73
CA LYS D 196 25.84 41.96 3.42
C LYS D 196 25.66 40.72 2.57
N LYS D 197 25.49 40.91 1.26
CA LYS D 197 25.48 39.76 0.34
C LYS D 197 26.84 39.03 0.34
N GLU D 198 26.81 37.70 0.42
CA GLU D 198 28.05 36.87 0.29
C GLU D 198 28.68 36.95 -1.11
N VAL D 199 30.00 36.87 -1.18
CA VAL D 199 30.73 36.87 -2.44
C VAL D 199 31.39 35.53 -2.63
N GLU D 200 31.05 34.83 -3.70
CA GLU D 200 31.55 33.48 -3.94
C GLU D 200 33.08 33.42 -3.99
N VAL D 201 33.69 34.43 -4.57
CA VAL D 201 35.13 34.47 -4.80
C VAL D 201 35.88 34.63 -3.51
N ARG D 202 35.37 35.45 -2.60
CA ARG D 202 36.00 35.60 -1.31
C ARG D 202 35.89 34.32 -0.52
N ALA D 203 34.73 33.69 -0.56
CA ALA D 203 34.53 32.40 0.09
C ALA D 203 35.56 31.37 -0.44
N PHE D 204 35.63 31.25 -1.76
CA PHE D 204 36.53 30.34 -2.41
C PHE D 204 37.97 30.57 -1.98
N LYS D 205 38.44 31.81 -2.17
CA LYS D 205 39.80 32.15 -1.82
C LYS D 205 40.08 31.87 -0.37
N PHE D 206 39.14 32.25 0.50
CA PHE D 206 39.34 32.05 1.92
C PHE D 206 39.50 30.58 2.28
N GLY D 207 38.73 29.71 1.63
CA GLY D 207 38.77 28.29 1.95
C GLY D 207 39.99 27.61 1.38
N VAL D 208 40.34 27.98 0.15
CA VAL D 208 41.52 27.43 -0.48
C VAL D 208 42.77 27.74 0.35
N ILE D 209 42.90 28.98 0.76
CA ILE D 209 44.08 29.38 1.53
C ILE D 209 44.07 28.72 2.89
N SER D 210 42.90 28.56 3.48
CA SER D 210 42.80 27.93 4.80
C SER D 210 43.15 26.45 4.75
N ASN D 211 42.75 25.76 3.68
CA ASN D 211 43.18 24.37 3.51
C ASN D 211 44.70 24.26 3.38
N ALA D 212 45.34 25.27 2.80
CA ALA D 212 46.77 25.22 2.59
C ALA D 212 47.54 25.44 3.89
N LEU D 213 47.00 26.25 4.79
CA LEU D 213 47.74 26.72 5.97
C LEU D 213 47.33 26.14 7.32
N SER D 214 46.17 25.51 7.42
CA SER D 214 45.72 25.02 8.72
C SER D 214 46.45 23.79 9.22
N ARG D 215 46.46 23.66 10.53
CA ARG D 215 46.99 22.49 11.22
C ARG D 215 45.79 21.84 11.87
N ILE D 216 45.63 20.56 11.61
CA ILE D 216 44.57 19.82 12.23
C ILE D 216 45.15 19.06 13.39
N ILE D 217 44.60 19.28 14.57
CA ILE D 217 45.15 18.74 15.80
C ILE D 217 44.54 17.38 16.14
N GLY D 218 43.27 17.20 15.86
CA GLY D 218 42.61 15.96 16.14
C GLY D 218 41.20 16.01 15.62
N TYR D 219 40.52 14.86 15.63
CA TYR D 219 39.17 14.80 15.09
C TYR D 219 38.50 13.48 15.33
N ASP D 220 37.18 13.54 15.30
CA ASP D 220 36.35 12.38 15.34
C ASP D 220 35.15 12.71 14.49
N LEU D 221 35.26 12.46 13.19
CA LEU D 221 34.20 12.80 12.28
C LEU D 221 33.64 11.52 11.75
N HIS D 222 32.37 11.54 11.39
CA HIS D 222 31.78 10.39 10.75
C HIS D 222 30.62 10.82 9.91
N PRO D 223 30.36 10.08 8.83
CA PRO D 223 29.19 10.36 8.01
C PRO D 223 27.89 10.11 8.75
N VAL D 224 26.85 10.81 8.37
CA VAL D 224 25.53 10.52 8.84
C VAL D 224 24.56 10.74 7.70
N THR D 225 23.58 9.85 7.60
CA THR D 225 22.56 9.92 6.59
C THR D 225 21.27 10.17 7.31
N ILE D 226 20.52 11.15 6.83
CA ILE D 226 19.28 11.55 7.49
C ILE D 226 18.20 11.87 6.49
N VAL D 227 16.96 11.93 6.96
CA VAL D 227 15.82 12.24 6.12
C VAL D 227 15.43 13.71 6.26
N ASN D 235 9.23 6.68 -1.58
CA ASN D 235 8.71 7.77 -0.77
C ASN D 235 9.82 8.61 -0.04
N LEU D 236 10.78 7.99 0.64
CA LEU D 236 11.76 8.74 1.50
C LEU D 236 12.86 9.49 0.74
N ARG D 237 13.11 10.73 1.12
CA ARG D 237 14.20 11.54 0.54
C ARG D 237 15.30 11.78 1.61
N LYS D 238 16.54 11.43 1.25
CA LYS D 238 17.68 11.35 2.19
C LYS D 238 18.84 12.25 1.82
N ALA D 239 19.70 12.56 2.78
CA ALA D 239 20.86 13.43 2.58
C ALA D 239 21.96 12.86 3.47
N ARG D 240 23.20 13.10 3.10
CA ARG D 240 24.34 12.53 3.80
C ARG D 240 25.32 13.64 4.12
N GLY D 241 25.59 13.84 5.40
CA GLY D 241 26.52 14.88 5.82
C GLY D 241 27.49 14.37 6.87
N VAL D 242 27.92 15.26 7.75
CA VAL D 242 28.93 14.94 8.75
C VAL D 242 28.45 15.33 10.15
N MSE D 243 28.91 14.59 11.15
CA MSE D 243 28.72 14.95 12.57
C MSE D 243 30.03 14.59 13.21
O MSE D 243 30.80 13.83 12.63
CB MSE D 243 27.62 14.14 13.22
CG MSE D 243 26.28 14.86 13.13
SE MSE D 243 24.91 13.83 14.13
CE MSE D 243 25.18 14.65 15.91
N GLY D 244 30.28 15.09 14.41
CA GLY D 244 31.50 14.81 15.13
C GLY D 244 32.20 16.11 15.45
N TRP D 245 33.50 16.05 15.69
CA TRP D 245 34.25 17.28 15.90
C TRP D 245 35.59 17.27 15.24
N ILE D 246 36.14 18.46 15.08
CA ILE D 246 37.46 18.65 14.50
C ILE D 246 38.11 19.77 15.27
N GLU D 247 39.38 19.60 15.58
CA GLU D 247 40.14 20.58 16.30
C GLU D 247 41.33 21.02 15.45
N PHE D 248 41.55 22.32 15.36
CA PHE D 248 42.59 22.85 14.49
C PHE D 248 43.09 24.23 14.88
N ASP D 249 44.12 24.68 14.17
CA ASP D 249 44.61 26.02 14.32
C ASP D 249 45.00 26.60 12.97
N ILE D 250 44.98 27.92 12.87
CA ILE D 250 45.43 28.62 11.67
C ILE D 250 46.59 29.50 12.09
N PRO D 251 47.82 29.12 11.71
CA PRO D 251 49.01 29.84 12.17
C PRO D 251 49.36 31.05 11.30
N ASP D 252 48.34 31.84 10.91
CA ASP D 252 48.55 33.18 10.35
C ASP D 252 47.59 34.14 11.07
N GLU D 253 48.14 35.09 11.81
CA GLU D 253 47.36 36.01 12.62
C GLU D 253 46.13 36.56 11.90
N LYS D 254 46.32 37.20 10.74
CA LYS D 254 45.21 37.84 10.03
C LYS D 254 44.14 36.85 9.60
N LEU D 255 44.55 35.67 9.17
CA LEU D 255 43.61 34.68 8.72
C LEU D 255 42.85 34.04 9.87
N LYS D 256 43.53 33.87 11.00
CA LYS D 256 42.89 33.33 12.19
C LYS D 256 41.84 34.31 12.72
N ARG D 257 42.17 35.59 12.70
CA ARG D 257 41.28 36.61 13.20
C ARG D 257 39.99 36.61 12.38
N ARG D 258 40.10 36.44 11.07
CA ARG D 258 38.91 36.37 10.25
C ARG D 258 38.11 35.13 10.56
N ALA D 259 38.78 33.98 10.60
CA ALA D 259 38.14 32.69 10.82
C ALA D 259 37.41 32.66 12.15
N LEU D 260 38.04 33.16 13.20
CA LEU D 260 37.39 33.18 14.51
C LEU D 260 36.06 33.95 14.44
N ARG D 261 36.10 35.13 13.85
CA ARG D 261 34.92 35.98 13.73
C ARG D 261 33.79 35.24 13.03
N TYR D 262 34.11 34.61 11.92
CA TYR D 262 33.10 33.95 11.14
C TYR D 262 32.57 32.74 11.91
N LEU D 263 33.47 31.96 12.47
CA LEU D 263 33.04 30.81 13.26
C LEU D 263 32.16 31.22 14.43
N LEU D 264 32.58 32.25 15.14
CA LEU D 264 31.81 32.75 16.27
C LEU D 264 30.37 33.07 15.86
N ALA D 265 30.21 33.67 14.69
CA ALA D 265 28.88 33.92 14.15
C ALA D 265 28.13 32.63 13.89
N SER D 266 28.78 31.68 13.24
CA SER D 266 28.17 30.36 12.97
C SER D 266 27.77 29.66 14.23
N SER D 267 28.45 29.92 15.33
CA SER D 267 28.08 29.30 16.60
C SER D 267 26.71 29.77 17.14
N TYR D 268 26.14 30.82 16.55
CA TYR D 268 24.78 31.25 16.80
C TYR D 268 23.85 30.82 15.68
N LEU D 269 24.30 30.94 14.44
CA LEU D 269 23.43 30.82 13.28
C LEU D 269 23.57 29.50 12.54
N GLY D 270 24.47 28.65 13.00
CA GLY D 270 24.73 27.37 12.36
C GLY D 270 25.49 27.53 11.07
N ILE D 271 25.74 26.40 10.42
CA ILE D 271 26.64 26.32 9.28
C ILE D 271 26.12 25.38 8.18
N GLY D 272 26.38 25.71 6.92
CA GLY D 272 26.03 24.81 5.82
C GLY D 272 24.61 25.00 5.41
N ARG D 273 24.11 24.06 4.60
CA ARG D 273 22.79 24.16 4.08
C ARG D 273 21.73 23.78 5.12
N SER D 274 20.57 24.43 5.00
CA SER D 274 19.37 24.08 5.75
C SER D 274 19.47 24.33 7.25
N ARG D 275 20.12 25.44 7.59
CA ARG D 275 20.22 25.86 8.98
C ARG D 275 18.87 26.28 9.52
N GLY D 276 18.05 26.93 8.68
CA GLY D 276 16.72 27.31 9.10
C GLY D 276 15.85 26.13 9.45
N ILE D 277 16.30 24.95 9.13
CA ILE D 277 15.57 23.72 9.42
C ILE D 277 16.33 22.90 10.48
N GLY D 278 17.45 23.43 10.97
CA GLY D 278 18.15 22.83 12.09
C GLY D 278 19.43 22.07 11.82
N PHE D 279 19.84 22.00 10.57
CA PHE D 279 21.03 21.31 10.21
C PHE D 279 22.19 22.26 10.38
N GLY D 280 23.36 21.71 10.64
CA GLY D 280 24.54 22.53 10.72
C GLY D 280 24.70 23.23 12.04
N GLU D 281 24.17 22.61 13.08
CA GLU D 281 24.24 23.15 14.41
C GLU D 281 25.64 22.89 14.93
N ILE D 282 26.34 23.94 15.31
CA ILE D 282 27.69 23.75 15.85
C ILE D 282 27.84 24.29 17.25
N LYS D 283 28.78 23.71 17.97
CA LYS D 283 29.25 24.22 19.24
C LYS D 283 30.77 24.48 19.07
N LEU D 284 31.21 25.64 19.50
CA LEU D 284 32.54 26.11 19.23
C LEU D 284 33.28 26.14 20.57
N GLU D 285 34.45 25.50 20.63
CA GLU D 285 35.22 25.47 21.86
C GLU D 285 36.65 25.87 21.57
N PHE D 286 37.23 26.66 22.47
CA PHE D 286 38.55 27.17 22.31
C PHE D 286 39.44 26.50 23.32
N ILE D 287 40.49 25.84 22.87
CA ILE D 287 41.30 25.05 23.75
C ILE D 287 42.53 25.85 24.05
N LYS D 288 42.75 26.07 25.35
CA LYS D 288 43.94 26.76 25.83
C LYS D 288 45.12 25.80 25.73
N ARG D 289 46.34 26.35 25.71
CA ARG D 289 47.56 25.54 25.44
C ARG D 289 48.42 25.33 26.69
C1 GOL E . 6.70 -6.99 -31.95
O1 GOL E . 5.31 -6.77 -32.33
C2 GOL E . 7.59 -6.01 -31.13
O2 GOL E . 8.08 -4.83 -31.79
C3 GOL E . 8.93 -6.71 -30.86
O3 GOL E . 9.77 -6.01 -29.94
#